data_7N83
#
_entry.id   7N83
#
_cell.length_a   150.078
_cell.length_b   150.078
_cell.length_c   111.149
_cell.angle_alpha   90.000
_cell.angle_beta   90.000
_cell.angle_gamma   120.000
#
_symmetry.space_group_name_H-M   'P 63'
#
loop_
_entity.id
_entity.type
_entity.pdbx_description
1 polymer 'Uridylate-specific endoribonuclease'
2 non-polymer 'CITRIC ACID'
3 non-polymer (3S)-1-(phenylsulfonyl)pyrrolidin-3-amine
4 water water
#
_entity_poly.entity_id   1
_entity_poly.type   'polypeptide(L)'
_entity_poly.pdbx_seq_one_letter_code
;GAMSLENVAFNVVNKGHFDGQQGEVPVSIINNTVYTKVDGVDVELFENKTTLPVNVAFELWAKRNIKPVPEVKILNNLGV
DIAANTVIWDYKRDAPAHISTIGVCSMTDIAKKPTETICAPLTVFFDGRVDGQVDLFRNARNGVLITEGSVKGLQPSVGP
KQASLNGVTLIGEAVKTQFNYYKKVDGVVQQLPETYFTQSRNLQEFKPRSQMEIDFLELAMDEFIERYKLEGYAFEHIVY
GDFSHSQLGGLHLLIGLAKRFKESPFELEDFIPMDSTVKNYFITDAQTGSSKCVCSVIDLLLDDFVEIIKSQDLSVVSKV
VKVTIDYTEISFMLWCKDGHVETFYPKLQ
;
_entity_poly.pdbx_strand_id   A,B
#
loop_
_chem_comp.id
_chem_comp.type
_chem_comp.name
_chem_comp.formula
CIT non-polymer 'CITRIC ACID' 'C6 H8 O7'
WNM non-polymer (3S)-1-(phenylsulfonyl)pyrrolidin-3-amine 'C10 H14 N2 O2 S'
#
# COMPACT_ATOMS: atom_id res chain seq x y z
N ALA A 2 21.67 6.85 28.57
CA ALA A 2 21.86 7.66 29.78
C ALA A 2 20.75 8.69 29.94
N MET A 3 19.52 8.19 30.16
CA MET A 3 18.33 9.01 30.33
C MET A 3 18.32 9.70 31.72
N SER A 4 17.95 10.97 31.74
CA SER A 4 17.87 11.77 32.94
C SER A 4 16.97 12.97 32.76
N LEU A 5 16.44 13.49 33.87
CA LEU A 5 15.62 14.68 33.87
C LEU A 5 16.42 15.88 33.30
N GLU A 6 17.68 16.04 33.73
CA GLU A 6 18.56 17.13 33.29
C GLU A 6 18.89 17.05 31.80
N ASN A 7 19.01 15.83 31.27
CA ASN A 7 19.25 15.61 29.86
C ASN A 7 17.99 15.91 29.05
N VAL A 8 16.80 15.49 29.54
CA VAL A 8 15.52 15.80 28.88
C VAL A 8 15.36 17.33 28.80
N ALA A 9 15.57 18.03 29.93
CA ALA A 9 15.52 19.49 29.98
C ALA A 9 16.55 20.15 29.05
N PHE A 10 17.78 19.59 28.96
CA PHE A 10 18.80 20.11 28.04
C PHE A 10 18.28 20.05 26.60
N ASN A 11 17.69 18.89 26.21
CA ASN A 11 17.13 18.71 24.90
C ASN A 11 16.00 19.67 24.65
N VAL A 12 15.09 19.87 25.62
CA VAL A 12 13.99 20.82 25.45
C VAL A 12 14.54 22.25 25.22
N VAL A 13 15.45 22.73 26.10
CA VAL A 13 16.06 24.06 25.99
C VAL A 13 16.79 24.23 24.65
N ASN A 14 17.60 23.26 24.24
CA ASN A 14 18.42 23.37 23.05
C ASN A 14 17.84 22.96 21.72
N LYS A 15 16.92 21.98 21.71
CA LYS A 15 16.37 21.39 20.48
C LYS A 15 14.85 21.55 20.30
N GLY A 16 14.18 22.17 21.27
CA GLY A 16 12.74 22.37 21.21
C GLY A 16 11.91 21.15 21.56
N HIS A 17 12.55 20.02 21.82
CA HIS A 17 11.97 18.71 22.14
C HIS A 17 13.11 17.71 22.42
N PHE A 18 12.78 16.48 22.81
CA PHE A 18 13.80 15.45 23.01
C PHE A 18 14.36 15.04 21.64
N ASP A 19 15.66 15.20 21.47
CA ASP A 19 16.34 14.92 20.21
C ASP A 19 17.56 13.97 20.38
N GLY A 20 17.67 13.30 21.52
CA GLY A 20 18.75 12.36 21.78
C GLY A 20 20.12 12.98 21.98
N GLN A 21 20.18 14.31 22.17
CA GLN A 21 21.43 15.04 22.36
C GLN A 21 22.01 14.88 23.75
N GLN A 22 23.33 14.92 23.87
CA GLN A 22 24.00 14.80 25.16
C GLN A 22 24.06 16.17 25.82
N GLY A 23 24.01 16.19 27.14
CA GLY A 23 24.06 17.44 27.88
C GLY A 23 23.07 17.50 29.03
N GLU A 24 23.29 18.47 29.93
CA GLU A 24 22.47 18.64 31.13
C GLU A 24 22.28 20.11 31.42
N VAL A 25 21.08 20.49 31.91
CA VAL A 25 20.82 21.85 32.40
C VAL A 25 20.31 21.73 33.84
N PRO A 26 20.50 22.77 34.68
CA PRO A 26 19.98 22.68 36.05
C PRO A 26 18.45 22.74 36.01
N VAL A 27 17.81 21.90 36.80
CA VAL A 27 16.37 21.83 36.81
C VAL A 27 15.84 21.92 38.22
N SER A 28 14.70 22.56 38.38
CA SER A 28 14.00 22.52 39.65
C SER A 28 12.54 22.12 39.44
N ILE A 29 12.08 21.23 40.30
CA ILE A 29 10.70 20.78 40.25
C ILE A 29 9.95 21.33 41.43
N ILE A 30 8.88 22.08 41.15
CA ILE A 30 8.03 22.65 42.21
C ILE A 30 6.61 22.57 41.76
N ASN A 31 5.63 22.25 42.62
N ASN A 31 5.98 21.68 42.55
CA ASN A 31 4.16 22.23 42.29
CA ASN A 31 4.65 21.09 42.55
C ASN A 31 3.75 22.03 40.78
C ASN A 31 4.57 20.25 41.29
N ASN A 32 3.92 20.78 40.30
CA ASN A 32 3.68 20.22 38.98
C ASN A 32 4.36 20.97 37.86
N THR A 33 5.39 21.75 38.17
CA THR A 33 6.08 22.51 37.16
C THR A 33 7.57 22.20 37.11
N VAL A 34 8.11 22.16 35.91
CA VAL A 34 9.52 21.95 35.69
C VAL A 34 10.12 23.29 35.29
N TYR A 35 11.17 23.72 35.99
CA TYR A 35 11.87 24.96 35.69
C TYR A 35 13.31 24.67 35.36
N THR A 36 13.94 25.60 34.66
CA THR A 36 15.36 25.56 34.42
C THR A 36 15.95 26.94 34.74
N LYS A 37 17.16 26.96 35.28
CA LYS A 37 17.83 28.20 35.59
C LYS A 37 18.44 28.78 34.32
N VAL A 38 18.02 29.99 33.96
CA VAL A 38 18.54 30.72 32.82
C VAL A 38 19.08 32.02 33.38
N ASP A 39 20.43 32.12 33.50
CA ASP A 39 21.13 33.30 34.01
C ASP A 39 20.59 33.78 35.34
N GLY A 40 20.62 32.90 36.32
CA GLY A 40 20.16 33.26 37.65
C GLY A 40 18.69 33.12 37.97
N VAL A 41 17.78 33.16 36.96
CA VAL A 41 16.35 33.03 37.27
C VAL A 41 15.71 31.76 36.70
N ASP A 42 14.64 31.32 37.34
CA ASP A 42 13.91 30.14 36.95
C ASP A 42 12.93 30.43 35.83
N VAL A 43 13.01 29.64 34.77
CA VAL A 43 12.15 29.76 33.62
C VAL A 43 11.36 28.47 33.52
N GLU A 44 10.07 28.59 33.37
CA GLU A 44 9.19 27.44 33.26
C GLU A 44 9.36 26.70 31.93
N LEU A 45 9.65 25.40 32.00
CA LEU A 45 9.76 24.56 30.81
C LEU A 45 8.47 23.75 30.58
N PHE A 46 7.77 23.36 31.66
CA PHE A 46 6.62 22.51 31.52
C PHE A 46 5.71 22.54 32.73
N GLU A 47 4.41 22.59 32.49
CA GLU A 47 3.44 22.50 33.55
C GLU A 47 2.66 21.21 33.34
N ASN A 48 2.76 20.31 34.29
CA ASN A 48 2.06 19.05 34.26
C ASN A 48 0.55 19.19 34.43
N LYS A 49 -0.22 18.88 33.38
CA LYS A 49 -1.69 18.83 33.38
C LYS A 49 -2.18 17.34 33.35
N THR A 50 -1.27 16.37 33.50
CA THR A 50 -1.56 14.93 33.43
C THR A 50 -1.73 14.34 34.84
N THR A 51 -2.16 13.09 34.92
CA THR A 51 -2.24 12.33 36.16
C THR A 51 -0.93 11.53 36.43
N LEU A 52 0.10 11.72 35.62
CA LEU A 52 1.39 11.08 35.84
C LEU A 52 2.24 11.99 36.72
N PRO A 53 3.31 11.46 37.36
CA PRO A 53 4.26 12.33 38.06
C PRO A 53 4.87 13.37 37.10
N VAL A 54 5.08 14.59 37.59
CA VAL A 54 5.57 15.74 36.81
C VAL A 54 6.82 15.42 35.98
N ASN A 55 7.86 14.78 36.52
CA ASN A 55 9.08 14.50 35.76
C ASN A 55 8.86 13.46 34.65
N VAL A 56 7.91 12.54 34.87
CA VAL A 56 7.53 11.51 33.91
C VAL A 56 6.74 12.14 32.77
N ALA A 57 5.74 13.00 33.09
CA ALA A 57 4.94 13.68 32.07
C ALA A 57 5.82 14.59 31.21
N PHE A 58 6.80 15.27 31.83
CA PHE A 58 7.75 16.14 31.14
C PHE A 58 8.55 15.33 30.12
N GLU A 59 9.05 14.14 30.50
CA GLU A 59 9.78 13.30 29.57
C GLU A 59 8.93 12.81 28.40
N LEU A 60 7.69 12.39 28.65
CA LEU A 60 6.80 11.92 27.58
C LEU A 60 6.41 13.04 26.65
N TRP A 61 6.19 14.24 27.20
CA TRP A 61 5.89 15.39 26.37
C TRP A 61 7.14 15.76 25.54
N ALA A 62 8.34 15.77 26.13
CA ALA A 62 9.58 16.06 25.39
C ALA A 62 9.77 15.00 24.27
N LYS A 63 9.38 13.73 24.54
CA LYS A 63 9.50 12.64 23.58
C LYS A 63 8.31 12.46 22.66
N ARG A 64 7.42 13.48 22.58
CA ARG A 64 6.24 13.39 21.76
C ARG A 64 6.62 13.28 20.29
N ASN A 65 5.73 12.68 19.50
CA ASN A 65 5.92 12.55 18.08
C ASN A 65 5.70 13.93 17.46
N ILE A 66 6.71 14.40 16.73
CA ILE A 66 6.63 15.69 16.06
C ILE A 66 6.41 15.59 14.54
N LYS A 67 6.06 14.39 14.05
CA LYS A 67 5.69 14.21 12.66
C LYS A 67 4.16 14.27 12.66
N PRO A 68 3.49 14.49 11.50
CA PRO A 68 2.03 14.41 11.47
C PRO A 68 1.61 12.99 11.90
N VAL A 69 0.72 12.92 12.88
CA VAL A 69 0.25 11.64 13.37
C VAL A 69 -1.25 11.60 13.29
N PRO A 70 -1.87 10.40 13.26
CA PRO A 70 -3.33 10.34 13.29
C PRO A 70 -3.92 11.11 14.49
N GLU A 71 -5.06 11.76 14.30
CA GLU A 71 -5.74 12.44 15.40
C GLU A 71 -6.17 11.38 16.43
N VAL A 72 -6.06 11.69 17.72
CA VAL A 72 -6.39 10.77 18.81
C VAL A 72 -7.79 10.10 18.63
N LYS A 73 -8.81 10.82 18.11
CA LYS A 73 -10.14 10.24 17.89
C LYS A 73 -10.08 9.01 16.95
N ILE A 74 -9.19 9.02 15.94
CA ILE A 74 -8.99 7.89 15.01
C ILE A 74 -8.33 6.72 15.75
N LEU A 75 -7.25 6.98 16.48
CA LEU A 75 -6.55 5.94 17.24
C LEU A 75 -7.49 5.25 18.24
N ASN A 76 -8.27 6.04 18.98
CA ASN A 76 -9.26 5.53 19.94
C ASN A 76 -10.32 4.70 19.24
N ASN A 77 -10.86 5.19 18.11
CA ASN A 77 -11.88 4.47 17.36
C ASN A 77 -11.37 3.13 16.82
N LEU A 78 -10.04 3.00 16.60
CA LEU A 78 -9.37 1.77 16.16
C LEU A 78 -8.89 0.88 17.30
N GLY A 79 -9.19 1.26 18.55
CA GLY A 79 -8.82 0.49 19.73
C GLY A 79 -7.35 0.47 20.08
N VAL A 80 -6.59 1.50 19.67
CA VAL A 80 -5.16 1.61 19.97
C VAL A 80 -4.96 1.77 21.47
N ASP A 81 -4.17 0.90 22.09
CA ASP A 81 -3.89 0.91 23.52
C ASP A 81 -2.55 1.58 23.85
N ILE A 82 -1.57 1.47 22.96
CA ILE A 82 -0.20 1.91 23.19
C ILE A 82 0.49 2.13 21.84
N ALA A 83 1.56 2.91 21.82
CA ALA A 83 2.32 3.17 20.61
C ALA A 83 3.69 2.50 20.69
N ALA A 84 4.19 2.01 19.57
CA ALA A 84 5.50 1.39 19.51
C ALA A 84 6.58 2.46 19.34
N ASN A 85 7.41 2.63 20.38
CA ASN A 85 8.61 3.46 20.37
C ASN A 85 8.40 4.93 20.00
N THR A 86 7.29 5.51 20.44
CA THR A 86 6.92 6.90 20.27
C THR A 86 5.84 7.27 21.34
N VAL A 87 5.53 8.58 21.45
CA VAL A 87 4.49 9.08 22.33
C VAL A 87 3.56 9.87 21.45
N ILE A 88 2.27 9.49 21.42
CA ILE A 88 1.29 10.30 20.72
C ILE A 88 0.80 11.26 21.81
N TRP A 89 1.13 12.57 21.68
CA TRP A 89 0.70 13.54 22.67
C TRP A 89 -0.68 13.98 22.32
N ASP A 90 -1.58 13.92 23.29
CA ASP A 90 -2.96 14.35 23.14
C ASP A 90 -3.03 15.83 23.56
N TYR A 91 -3.02 16.73 22.58
CA TYR A 91 -3.06 18.17 22.78
C TYR A 91 -4.41 18.69 23.28
N LYS A 92 -5.47 17.92 23.11
CA LYS A 92 -6.78 18.31 23.61
C LYS A 92 -6.83 18.08 25.13
N ARG A 93 -6.13 17.05 25.64
CA ARG A 93 -6.07 16.78 27.07
C ARG A 93 -4.77 17.23 27.72
N ASP A 94 -3.78 17.77 26.97
CA ASP A 94 -2.44 18.13 27.48
C ASP A 94 -1.82 16.93 28.20
N ALA A 95 -1.94 15.76 27.58
CA ALA A 95 -1.49 14.52 28.21
C ALA A 95 -1.11 13.48 27.16
N PRO A 96 -0.38 12.42 27.54
CA PRO A 96 -0.10 11.35 26.58
C PRO A 96 -1.41 10.65 26.19
N ALA A 97 -1.61 10.37 24.90
CA ALA A 97 -2.80 9.64 24.45
C ALA A 97 -2.90 8.25 25.09
N HIS A 98 -1.77 7.67 25.56
CA HIS A 98 -1.78 6.32 26.10
C HIS A 98 -1.08 6.26 27.45
N ILE A 99 -1.57 5.41 28.36
CA ILE A 99 -1.01 5.30 29.72
C ILE A 99 0.43 4.83 29.77
N SER A 100 0.72 3.79 28.99
CA SER A 100 2.00 3.13 28.99
C SER A 100 2.78 3.36 27.71
N THR A 101 4.06 3.03 27.74
CA THR A 101 4.92 3.18 26.58
C THR A 101 5.72 1.90 26.26
N ILE A 102 6.35 1.87 25.08
CA ILE A 102 7.24 0.79 24.65
C ILE A 102 8.50 1.46 24.15
N GLY A 103 9.62 1.21 24.81
CA GLY A 103 10.92 1.77 24.42
C GLY A 103 11.01 3.29 24.41
N VAL A 104 10.35 3.96 25.36
CA VAL A 104 10.34 5.42 25.43
C VAL A 104 10.90 5.98 26.75
N CYS A 105 10.35 5.53 27.89
CA CYS A 105 10.63 6.11 29.18
C CYS A 105 10.63 5.00 30.23
N SER A 106 11.65 4.96 31.09
CA SER A 106 11.77 3.90 32.10
C SER A 106 10.62 3.78 33.07
N MET A 107 9.97 4.91 33.41
CA MET A 107 8.87 4.88 34.35
C MET A 107 7.57 4.34 33.76
N THR A 108 7.30 4.59 32.47
CA THR A 108 6.04 4.18 31.84
C THR A 108 6.14 2.95 30.92
N ASP A 109 7.37 2.53 30.57
CA ASP A 109 7.57 1.38 29.69
C ASP A 109 7.08 0.10 30.27
N ILE A 110 6.29 -0.61 29.49
CA ILE A 110 5.90 -1.97 29.84
C ILE A 110 6.87 -2.98 29.16
N ALA A 111 7.60 -2.53 28.12
CA ALA A 111 8.53 -3.29 27.31
C ALA A 111 9.46 -2.30 26.60
N LYS A 112 10.60 -2.79 26.11
CA LYS A 112 11.54 -2.02 25.30
C LYS A 112 11.17 -2.17 23.80
N LYS A 113 10.64 -3.35 23.42
CA LYS A 113 10.26 -3.66 22.05
C LYS A 113 8.84 -4.20 22.01
N PRO A 114 8.06 -3.86 20.96
CA PRO A 114 6.69 -4.37 20.89
C PRO A 114 6.60 -5.90 20.69
N THR A 115 7.72 -6.56 20.34
CA THR A 115 7.75 -8.02 20.22
C THR A 115 7.72 -8.72 21.57
N GLU A 116 7.88 -7.99 22.70
CA GLU A 116 7.82 -8.59 24.03
C GLU A 116 6.39 -9.11 24.28
N THR A 117 6.26 -10.26 24.95
CA THR A 117 4.96 -10.92 25.13
C THR A 117 3.91 -10.09 25.86
N ILE A 118 4.33 -9.12 26.71
CA ILE A 118 3.36 -8.25 27.40
C ILE A 118 2.53 -7.41 26.39
N CYS A 119 3.10 -7.13 25.20
CA CYS A 119 2.45 -6.33 24.16
C CYS A 119 1.50 -7.11 23.28
N ALA A 120 1.61 -8.47 23.28
CA ALA A 120 0.76 -9.31 22.43
C ALA A 120 -0.74 -9.03 22.59
N PRO A 121 -1.33 -8.94 23.81
CA PRO A 121 -2.77 -8.61 23.92
C PRO A 121 -3.17 -7.15 23.68
N LEU A 122 -2.19 -6.23 23.60
CA LEU A 122 -2.48 -4.82 23.39
C LEU A 122 -2.46 -4.46 21.92
N THR A 123 -3.32 -3.52 21.50
CA THR A 123 -3.30 -3.05 20.13
C THR A 123 -2.20 -1.95 20.05
N VAL A 124 -1.04 -2.33 19.49
CA VAL A 124 0.09 -1.44 19.38
C VAL A 124 0.00 -0.59 18.12
N PHE A 125 0.24 0.72 18.24
CA PHE A 125 0.27 1.62 17.09
C PHE A 125 1.67 1.53 16.47
N PHE A 126 1.74 1.28 15.18
CA PHE A 126 2.99 1.19 14.45
C PHE A 126 2.96 2.22 13.36
N ASP A 127 4.08 2.86 13.16
CA ASP A 127 4.26 3.90 12.16
C ASP A 127 5.22 3.38 11.10
N GLY A 128 4.64 3.04 9.94
CA GLY A 128 5.36 2.54 8.79
C GLY A 128 6.41 3.48 8.24
N ARG A 129 6.37 4.76 8.65
CA ARG A 129 7.41 5.70 8.22
C ARG A 129 8.74 5.50 8.98
N VAL A 130 8.74 4.70 10.03
CA VAL A 130 9.92 4.40 10.83
C VAL A 130 10.39 2.98 10.45
N ASP A 131 11.69 2.83 10.20
CA ASP A 131 12.30 1.56 9.83
C ASP A 131 11.96 0.44 10.79
N GLY A 132 11.59 -0.71 10.23
CA GLY A 132 11.25 -1.90 10.99
C GLY A 132 9.84 -1.98 11.56
N GLN A 133 9.04 -0.89 11.47
CA GLN A 133 7.71 -0.88 12.10
C GLN A 133 6.65 -1.65 11.32
N VAL A 134 6.73 -1.67 9.98
CA VAL A 134 5.82 -2.48 9.18
C VAL A 134 6.04 -3.98 9.53
N ASP A 135 7.33 -4.40 9.68
CA ASP A 135 7.67 -5.78 10.07
C ASP A 135 7.16 -6.08 11.46
N LEU A 136 7.27 -5.10 12.37
CA LEU A 136 6.78 -5.29 13.74
C LEU A 136 5.27 -5.46 13.78
N PHE A 137 4.53 -4.76 12.90
CA PHE A 137 3.09 -4.93 12.79
C PHE A 137 2.74 -6.38 12.31
N ARG A 138 3.43 -6.89 11.24
CA ARG A 138 3.27 -8.25 10.73
C ARG A 138 3.49 -9.27 11.83
N ASN A 139 4.41 -9.01 12.76
CA ASN A 139 4.69 -9.93 13.86
C ASN A 139 3.83 -9.73 15.11
N ALA A 140 3.15 -8.58 15.25
CA ALA A 140 2.32 -8.26 16.41
C ALA A 140 1.01 -9.05 16.40
N ARG A 141 0.54 -9.49 17.57
CA ARG A 141 -0.75 -10.17 17.65
C ARG A 141 -1.87 -9.10 17.43
N ASN A 142 -1.72 -7.91 18.03
CA ASN A 142 -2.71 -6.85 17.89
C ASN A 142 -2.01 -5.54 17.53
N GLY A 143 -2.58 -4.80 16.59
CA GLY A 143 -1.95 -3.57 16.17
C GLY A 143 -2.72 -2.79 15.15
N VAL A 144 -2.28 -1.56 14.96
CA VAL A 144 -2.78 -0.61 13.98
C VAL A 144 -1.51 -0.07 13.33
N LEU A 145 -1.48 -0.04 12.02
CA LEU A 145 -0.33 0.44 11.26
C LEU A 145 -0.76 1.57 10.36
N ILE A 146 0.06 2.62 10.26
CA ILE A 146 -0.15 3.66 9.26
C ILE A 146 1.06 3.64 8.32
N THR A 147 0.85 3.94 7.04
CA THR A 147 1.92 4.03 6.07
C THR A 147 1.58 5.13 5.08
N GLU A 148 2.60 5.63 4.38
CA GLU A 148 2.39 6.60 3.31
C GLU A 148 2.16 5.90 1.94
N GLY A 149 2.46 4.60 1.85
CA GLY A 149 2.29 3.85 0.62
C GLY A 149 1.88 2.39 0.83
N SER A 150 1.95 1.63 -0.24
CA SER A 150 1.57 0.24 -0.31
C SER A 150 2.48 -0.67 0.52
N VAL A 151 1.88 -1.63 1.20
CA VAL A 151 2.58 -2.68 1.94
C VAL A 151 2.17 -3.94 1.17
N LYS A 152 3.15 -4.72 0.68
CA LYS A 152 2.87 -5.87 -0.17
C LYS A 152 1.92 -6.89 0.46
N GLY A 153 0.80 -7.14 -0.23
CA GLY A 153 -0.18 -8.10 0.24
C GLY A 153 -1.19 -7.57 1.26
N LEU A 154 -0.92 -6.41 1.88
CA LEU A 154 -1.85 -5.85 2.89
C LEU A 154 -2.88 -4.93 2.29
N GLN A 155 -4.17 -5.28 2.38
CA GLN A 155 -5.24 -4.47 1.80
C GLN A 155 -5.37 -3.17 2.61
N PRO A 156 -5.21 -1.99 1.97
CA PRO A 156 -5.25 -0.74 2.74
C PRO A 156 -6.62 -0.11 2.92
N SER A 157 -6.69 0.76 3.92
CA SER A 157 -7.87 1.58 4.14
C SER A 157 -7.36 3.02 4.03
N VAL A 158 -7.87 3.80 3.08
CA VAL A 158 -7.45 5.18 2.94
C VAL A 158 -8.02 5.97 4.12
N GLY A 159 -7.15 6.54 4.93
CA GLY A 159 -7.57 7.28 6.12
C GLY A 159 -7.98 8.70 5.82
N PRO A 160 -8.19 9.53 6.87
CA PRO A 160 -8.58 10.92 6.61
C PRO A 160 -7.47 11.71 5.93
N LYS A 161 -7.85 12.78 5.24
CA LYS A 161 -6.88 13.66 4.60
C LYS A 161 -5.98 14.34 5.63
N GLN A 162 -6.53 14.61 6.84
CA GLN A 162 -5.86 15.36 7.89
C GLN A 162 -5.19 14.49 8.93
N ALA A 163 -4.17 15.07 9.51
CA ALA A 163 -3.42 14.47 10.60
C ALA A 163 -3.08 15.63 11.58
N SER A 164 -2.61 15.28 12.77
CA SER A 164 -2.19 16.25 13.76
C SER A 164 -0.66 16.41 13.73
N LEU A 165 -0.19 17.63 13.45
CA LEU A 165 1.24 17.94 13.50
C LEU A 165 1.49 18.94 14.65
N ASN A 166 2.07 18.48 15.77
CA ASN A 166 2.31 19.33 16.93
C ASN A 166 1.05 20.00 17.45
N GLY A 167 -0.05 19.27 17.43
CA GLY A 167 -1.33 19.73 17.90
C GLY A 167 -2.10 20.57 16.92
N VAL A 168 -1.59 20.73 15.70
CA VAL A 168 -2.30 21.48 14.66
C VAL A 168 -2.84 20.43 13.70
N THR A 169 -4.16 20.36 13.56
CA THR A 169 -4.78 19.43 12.61
C THR A 169 -4.76 20.13 11.27
N LEU A 170 -4.18 19.48 10.27
CA LEU A 170 -4.05 20.08 8.96
C LEU A 170 -4.00 19.04 7.85
N ILE A 171 -4.30 19.48 6.62
CA ILE A 171 -4.18 18.67 5.44
C ILE A 171 -2.85 19.15 4.85
N GLY A 172 -1.84 18.30 4.96
CA GLY A 172 -0.47 18.61 4.58
C GLY A 172 -0.22 18.90 3.13
N GLU A 173 0.58 19.95 2.88
CA GLU A 173 1.02 20.37 1.55
C GLU A 173 2.53 20.14 1.42
N ALA A 174 3.28 20.46 2.48
CA ALA A 174 4.73 20.25 2.55
C ALA A 174 5.10 18.89 3.19
N VAL A 175 4.12 18.22 3.83
CA VAL A 175 4.21 16.92 4.50
C VAL A 175 3.00 16.10 4.10
N LYS A 176 3.11 14.79 4.17
CA LYS A 176 1.99 13.91 3.88
C LYS A 176 1.20 13.70 5.19
N THR A 177 -0.13 13.91 5.13
CA THR A 177 -1.02 13.68 6.27
C THR A 177 -2.03 12.55 6.02
N GLN A 178 -2.23 12.13 4.75
CA GLN A 178 -3.18 11.06 4.44
C GLN A 178 -2.47 9.72 4.46
N PHE A 179 -2.80 8.89 5.42
CA PHE A 179 -2.16 7.59 5.59
C PHE A 179 -3.06 6.43 5.14
N ASN A 180 -2.43 5.27 4.90
CA ASN A 180 -3.10 4.03 4.70
C ASN A 180 -3.17 3.43 6.08
N TYR A 181 -4.32 2.86 6.41
CA TYR A 181 -4.51 2.25 7.71
C TYR A 181 -4.67 0.77 7.57
N TYR A 182 -4.16 0.06 8.55
CA TYR A 182 -4.23 -1.38 8.66
C TYR A 182 -4.43 -1.72 10.13
N LYS A 183 -5.15 -2.80 10.43
CA LYS A 183 -5.41 -3.22 11.80
C LYS A 183 -5.41 -4.73 11.91
N LYS A 184 -4.88 -5.27 13.01
CA LYS A 184 -4.86 -6.70 13.28
C LYS A 184 -5.51 -6.95 14.62
N VAL A 185 -6.35 -7.99 14.70
CA VAL A 185 -6.96 -8.43 15.94
C VAL A 185 -6.66 -9.93 16.05
N ASP A 186 -6.09 -10.36 17.17
CA ASP A 186 -5.76 -11.74 17.45
C ASP A 186 -4.95 -12.44 16.34
N GLY A 187 -3.92 -11.76 15.87
CA GLY A 187 -3.02 -12.25 14.84
C GLY A 187 -3.60 -12.21 13.44
N VAL A 188 -4.83 -11.70 13.28
CA VAL A 188 -5.50 -11.69 12.00
C VAL A 188 -5.77 -10.27 11.52
N VAL A 189 -5.30 -9.95 10.30
CA VAL A 189 -5.55 -8.65 9.68
C VAL A 189 -7.06 -8.48 9.47
N GLN A 190 -7.58 -7.32 9.84
CA GLN A 190 -8.99 -7.01 9.77
C GLN A 190 -9.29 -6.13 8.60
N GLN A 191 -10.45 -6.32 8.02
CA GLN A 191 -10.90 -5.49 6.93
C GLN A 191 -11.54 -4.28 7.64
N LEU A 192 -10.96 -3.10 7.46
CA LEU A 192 -11.50 -1.90 8.06
C LEU A 192 -12.75 -1.53 7.31
N PRO A 193 -13.79 -1.09 8.02
CA PRO A 193 -15.05 -0.77 7.34
C PRO A 193 -14.97 0.46 6.45
N GLU A 194 -15.93 0.57 5.51
CA GLU A 194 -16.07 1.77 4.68
C GLU A 194 -16.59 2.86 5.63
N THR A 195 -16.03 4.08 5.54
CA THR A 195 -16.32 5.09 6.52
C THR A 195 -16.35 6.48 5.99
N TYR A 196 -17.13 7.33 6.66
CA TYR A 196 -17.06 8.76 6.44
C TYR A 196 -15.98 9.25 7.41
N PHE A 197 -15.49 10.46 7.22
CA PHE A 197 -14.54 11.05 8.16
C PHE A 197 -15.04 12.40 8.62
N THR A 198 -14.82 12.71 9.90
CA THR A 198 -15.11 14.04 10.41
C THR A 198 -14.03 14.98 9.86
N GLN A 199 -14.38 16.26 9.67
CA GLN A 199 -13.53 17.28 9.06
C GLN A 199 -12.57 17.98 10.03
N SER A 200 -12.77 17.81 11.34
CA SER A 200 -11.88 18.35 12.38
C SER A 200 -11.67 19.88 12.34
N ARG A 201 -12.72 20.62 11.98
CA ARG A 201 -12.65 22.08 11.93
C ARG A 201 -13.00 22.74 13.27
N ASN A 202 -12.60 24.00 13.43
CA ASN A 202 -12.87 24.83 14.61
C ASN A 202 -14.02 25.76 14.31
N LEU A 203 -14.73 26.18 15.35
CA LEU A 203 -15.84 27.11 15.22
C LEU A 203 -15.39 28.50 14.73
N GLN A 204 -14.31 29.03 15.32
CA GLN A 204 -13.79 30.38 15.03
C GLN A 204 -13.21 30.49 13.63
N GLU A 205 -12.46 29.48 13.19
CA GLU A 205 -11.81 29.52 11.89
C GLU A 205 -12.39 28.49 10.91
N PHE A 206 -13.71 28.32 10.91
CA PHE A 206 -14.36 27.37 10.02
C PHE A 206 -14.30 27.78 8.55
N LYS A 207 -13.82 26.86 7.70
CA LYS A 207 -13.75 27.09 6.26
C LYS A 207 -14.57 26.02 5.52
N PRO A 208 -15.40 26.45 4.57
CA PRO A 208 -16.18 25.47 3.79
C PRO A 208 -15.27 24.65 2.86
N ARG A 209 -15.58 23.37 2.67
CA ARG A 209 -14.76 22.49 1.85
C ARG A 209 -15.52 21.89 0.65
N SER A 210 -16.58 22.57 0.20
CA SER A 210 -17.41 22.18 -0.93
C SER A 210 -18.31 23.36 -1.35
N GLN A 211 -18.90 23.29 -2.55
CA GLN A 211 -19.83 24.34 -3.00
C GLN A 211 -21.10 24.33 -2.13
N MET A 212 -21.54 23.15 -1.66
CA MET A 212 -22.70 23.08 -0.78
C MET A 212 -22.43 23.80 0.55
N GLU A 213 -21.22 23.68 1.07
CA GLU A 213 -20.84 24.34 2.31
C GLU A 213 -20.71 25.85 2.13
N ILE A 214 -20.23 26.30 0.96
CA ILE A 214 -20.14 27.73 0.64
C ILE A 214 -21.56 28.29 0.56
N ASP A 215 -22.48 27.54 -0.09
CA ASP A 215 -23.87 27.94 -0.23
C ASP A 215 -24.59 27.98 1.11
N PHE A 216 -24.27 27.05 2.02
CA PHE A 216 -24.88 27.04 3.35
C PHE A 216 -24.54 28.31 4.12
N LEU A 217 -23.28 28.73 4.08
CA LEU A 217 -22.81 29.91 4.80
C LEU A 217 -23.27 31.22 4.17
N GLU A 218 -23.36 31.28 2.84
CA GLU A 218 -23.74 32.51 2.15
C GLU A 218 -25.25 32.69 2.02
N LEU A 219 -25.98 31.63 1.63
CA LEU A 219 -27.42 31.67 1.42
C LEU A 219 -28.21 31.69 2.70
N ALA A 220 -29.41 32.31 2.66
CA ALA A 220 -30.36 32.30 3.76
C ALA A 220 -30.95 30.89 3.86
N MET A 221 -31.50 30.54 5.01
CA MET A 221 -32.04 29.20 5.25
C MET A 221 -32.99 28.67 4.14
N ASP A 222 -34.01 29.44 3.79
CA ASP A 222 -35.01 29.00 2.81
C ASP A 222 -34.45 28.83 1.39
N GLU A 223 -33.52 29.69 0.94
CA GLU A 223 -32.96 29.53 -0.41
C GLU A 223 -31.99 28.33 -0.49
N PHE A 224 -31.27 28.01 0.63
CA PHE A 224 -30.39 26.83 0.64
C PHE A 224 -31.19 25.55 0.59
N ILE A 225 -32.24 25.45 1.41
CA ILE A 225 -33.10 24.27 1.47
C ILE A 225 -33.77 24.04 0.11
N GLU A 226 -34.18 25.12 -0.57
CA GLU A 226 -34.77 25.02 -1.89
C GLU A 226 -33.73 24.56 -2.91
N ARG A 227 -32.57 25.24 -2.98
CA ARG A 227 -31.50 24.89 -3.92
C ARG A 227 -31.04 23.43 -3.86
N TYR A 228 -30.95 22.86 -2.64
CA TYR A 228 -30.49 21.50 -2.48
C TYR A 228 -31.59 20.48 -2.22
N LYS A 229 -32.86 20.84 -2.49
CA LYS A 229 -34.04 19.97 -2.38
C LYS A 229 -34.12 19.28 -1.02
N LEU A 230 -33.96 20.08 0.05
CA LEU A 230 -33.94 19.55 1.40
C LEU A 230 -35.23 19.73 2.17
N GLU A 231 -36.35 20.03 1.48
CA GLU A 231 -37.65 20.16 2.14
C GLU A 231 -38.05 18.82 2.74
N GLY A 232 -38.55 18.86 3.98
CA GLY A 232 -38.95 17.66 4.70
C GLY A 232 -37.82 16.95 5.43
N TYR A 233 -36.57 17.46 5.36
CA TYR A 233 -35.43 16.83 6.03
C TYR A 233 -35.03 17.50 7.36
N ALA A 234 -35.84 18.45 7.84
CA ALA A 234 -35.69 19.17 9.11
C ALA A 234 -34.33 19.87 9.30
N PHE A 235 -33.74 20.41 8.22
CA PHE A 235 -32.47 21.13 8.34
C PHE A 235 -32.61 22.40 9.20
N GLU A 236 -33.82 22.98 9.25
CA GLU A 236 -34.17 24.16 10.04
C GLU A 236 -33.89 23.86 11.52
N HIS A 237 -34.30 22.67 11.98
CA HIS A 237 -34.07 22.20 13.34
C HIS A 237 -32.63 21.63 13.50
N ILE A 238 -32.31 20.52 12.80
CA ILE A 238 -31.03 19.81 12.87
C ILE A 238 -29.78 20.64 12.61
N VAL A 239 -29.74 21.38 11.49
CA VAL A 239 -28.53 22.07 11.09
C VAL A 239 -28.51 23.55 11.48
N TYR A 240 -29.59 24.29 11.20
CA TYR A 240 -29.65 25.71 11.50
C TYR A 240 -29.84 25.98 12.99
N GLY A 241 -30.61 25.13 13.65
CA GLY A 241 -30.89 25.31 15.07
C GLY A 241 -32.14 26.13 15.33
N ASP A 242 -32.86 25.75 16.36
CA ASP A 242 -34.06 26.41 16.78
C ASP A 242 -33.77 27.13 18.11
N PHE A 243 -33.72 28.45 18.08
CA PHE A 243 -33.42 29.22 19.29
C PHE A 243 -34.66 29.93 19.85
N SER A 244 -35.88 29.40 19.57
CA SER A 244 -37.12 30.04 19.97
C SER A 244 -37.66 29.60 21.32
N HIS A 245 -37.31 28.40 21.78
CA HIS A 245 -37.76 27.91 23.09
C HIS A 245 -36.60 27.90 24.11
N SER A 246 -36.90 27.67 25.42
CA SER A 246 -35.85 27.62 26.43
C SER A 246 -34.84 26.52 26.12
N GLN A 247 -35.33 25.36 25.64
CA GLN A 247 -34.41 24.32 25.19
C GLN A 247 -34.07 24.55 23.73
N LEU A 248 -32.77 24.75 23.45
CA LEU A 248 -32.21 24.94 22.11
C LEU A 248 -32.50 23.67 21.30
N GLY A 249 -33.09 23.86 20.12
CA GLY A 249 -33.46 22.76 19.25
C GLY A 249 -32.45 22.44 18.18
N GLY A 250 -32.17 21.16 18.00
CA GLY A 250 -31.24 20.68 17.00
C GLY A 250 -29.82 21.19 17.19
N LEU A 251 -29.25 21.78 16.13
CA LEU A 251 -27.90 22.33 16.09
C LEU A 251 -26.84 21.23 16.32
N HIS A 252 -26.82 20.21 15.47
CA HIS A 252 -25.88 19.08 15.64
C HIS A 252 -24.74 19.03 14.63
N LEU A 253 -24.69 19.95 13.66
CA LEU A 253 -23.64 19.95 12.64
C LEU A 253 -22.77 21.17 12.87
N LEU A 254 -21.45 20.99 12.96
CA LEU A 254 -20.52 22.09 13.22
C LEU A 254 -20.71 23.30 12.30
N ILE A 255 -20.97 23.06 11.01
CA ILE A 255 -21.20 24.13 10.04
C ILE A 255 -22.35 25.08 10.48
N GLY A 256 -23.39 24.51 11.10
CA GLY A 256 -24.53 25.27 11.59
C GLY A 256 -24.17 26.14 12.77
N LEU A 257 -23.29 25.65 13.63
CA LEU A 257 -22.78 26.40 14.76
C LEU A 257 -21.88 27.54 14.23
N ALA A 258 -21.06 27.26 13.22
CA ALA A 258 -20.18 28.26 12.63
C ALA A 258 -21.01 29.37 11.96
N LYS A 259 -22.12 29.01 11.31
CA LYS A 259 -22.98 30.00 10.67
C LYS A 259 -23.61 30.93 11.70
N ARG A 260 -24.12 30.35 12.80
CA ARG A 260 -24.75 31.06 13.91
C ARG A 260 -23.73 32.00 14.59
N PHE A 261 -22.50 31.50 14.78
CA PHE A 261 -21.41 32.21 15.43
C PHE A 261 -21.03 33.53 14.77
N LYS A 262 -21.18 33.62 13.44
CA LYS A 262 -20.88 34.85 12.71
C LYS A 262 -21.91 35.96 12.97
N GLU A 263 -23.15 35.59 13.30
CA GLU A 263 -24.20 36.56 13.58
C GLU A 263 -24.21 36.94 15.06
N SER A 264 -24.29 35.94 15.95
CA SER A 264 -24.30 36.20 17.39
C SER A 264 -23.54 35.11 18.14
N PRO A 265 -22.85 35.47 19.24
CA PRO A 265 -22.04 34.48 19.95
C PRO A 265 -22.83 33.56 20.85
N PHE A 266 -22.19 32.48 21.28
CA PHE A 266 -22.77 31.52 22.20
C PHE A 266 -21.66 30.82 22.98
N GLU A 267 -22.02 30.22 24.11
CA GLU A 267 -21.06 29.53 24.94
C GLU A 267 -21.15 28.03 24.68
N LEU A 268 -19.99 27.39 24.52
CA LEU A 268 -19.93 25.94 24.35
C LEU A 268 -19.13 25.41 25.49
N GLU A 269 -19.78 24.75 26.44
CA GLU A 269 -19.08 24.15 27.55
C GLU A 269 -18.72 22.69 27.18
N ASP A 270 -17.43 22.45 26.97
CA ASP A 270 -16.86 21.18 26.62
C ASP A 270 -16.65 20.39 27.94
N PHE A 271 -17.71 19.79 28.48
CA PHE A 271 -17.64 19.15 29.79
C PHE A 271 -16.89 17.79 29.83
N ILE A 272 -16.57 17.19 28.67
CA ILE A 272 -15.70 15.99 28.61
C ILE A 272 -14.61 16.39 27.61
N PRO A 273 -13.58 17.16 28.03
CA PRO A 273 -12.60 17.65 27.06
C PRO A 273 -11.60 16.60 26.54
N MET A 274 -11.93 16.04 25.41
CA MET A 274 -11.14 15.02 24.74
C MET A 274 -11.49 15.00 23.25
N ASP A 275 -10.60 14.43 22.44
CA ASP A 275 -10.85 14.32 21.01
C ASP A 275 -11.85 13.17 20.83
N SER A 276 -12.95 13.43 20.14
CA SER A 276 -13.92 12.38 19.82
C SER A 276 -14.72 12.73 18.59
N THR A 277 -15.14 11.71 17.84
CA THR A 277 -15.92 11.84 16.60
C THR A 277 -17.16 12.68 16.81
N VAL A 278 -17.91 12.39 17.86
CA VAL A 278 -19.06 13.20 18.23
C VAL A 278 -18.67 13.94 19.52
N LYS A 279 -18.92 15.25 19.60
CA LYS A 279 -18.62 16.02 20.80
C LYS A 279 -19.92 16.44 21.49
N ASN A 280 -19.98 16.43 22.84
CA ASN A 280 -21.16 16.89 23.58
C ASN A 280 -20.83 18.22 24.24
N TYR A 281 -21.70 19.20 24.04
CA TYR A 281 -21.49 20.52 24.66
C TYR A 281 -22.72 20.99 25.41
N PHE A 282 -22.49 21.75 26.48
CA PHE A 282 -23.59 22.41 27.20
C PHE A 282 -23.58 23.76 26.51
N ILE A 283 -24.57 24.01 25.64
CA ILE A 283 -24.60 25.25 24.87
C ILE A 283 -25.57 26.31 25.44
N THR A 284 -25.19 27.59 25.41
CA THR A 284 -26.02 28.69 25.88
C THR A 284 -25.93 29.76 24.83
N ASP A 285 -27.03 30.03 24.14
CA ASP A 285 -27.06 31.06 23.12
C ASP A 285 -27.15 32.43 23.81
N ALA A 286 -26.14 33.30 23.60
CA ALA A 286 -26.08 34.61 24.24
C ALA A 286 -27.18 35.57 23.82
N GLN A 287 -27.60 35.53 22.56
CA GLN A 287 -28.65 36.42 22.08
C GLN A 287 -30.04 36.11 22.66
N THR A 288 -30.47 34.85 22.61
CA THR A 288 -31.79 34.46 23.02
C THR A 288 -31.94 33.86 24.43
N GLY A 289 -30.87 33.26 24.95
CA GLY A 289 -30.97 32.53 26.20
C GLY A 289 -31.44 31.10 25.99
N SER A 290 -31.54 30.64 24.72
CA SER A 290 -31.89 29.26 24.41
C SER A 290 -30.67 28.41 24.83
N SER A 291 -30.88 27.30 25.53
CA SER A 291 -29.77 26.47 25.99
C SER A 291 -30.07 24.96 25.95
N LYS A 292 -29.03 24.11 26.02
CA LYS A 292 -29.19 22.66 26.02
C LYS A 292 -28.02 22.05 26.78
N CYS A 293 -28.28 21.23 27.81
CA CYS A 293 -27.22 20.63 28.62
C CYS A 293 -26.31 19.72 27.81
N VAL A 294 -26.91 18.89 26.94
CA VAL A 294 -26.16 17.96 26.11
C VAL A 294 -26.54 18.16 24.67
N CYS A 295 -25.72 18.89 23.94
CA CYS A 295 -25.93 19.10 22.53
C CYS A 295 -24.82 18.39 21.78
N SER A 296 -25.15 17.25 21.16
CA SER A 296 -24.17 16.46 20.39
C SER A 296 -23.87 17.17 19.08
N VAL A 297 -22.59 17.36 18.78
CA VAL A 297 -22.14 18.05 17.59
C VAL A 297 -21.13 17.18 16.86
N ILE A 298 -21.30 17.10 15.55
CA ILE A 298 -20.38 16.37 14.70
C ILE A 298 -19.96 17.29 13.56
N ASP A 299 -18.69 17.22 13.17
CA ASP A 299 -18.22 18.01 12.03
C ASP A 299 -18.10 17.10 10.81
N LEU A 300 -19.22 16.88 10.14
CA LEU A 300 -19.22 16.13 8.90
C LEU A 300 -19.25 17.17 7.80
N LEU A 301 -18.72 16.84 6.61
CA LEU A 301 -18.85 17.71 5.44
C LEU A 301 -20.36 17.73 5.13
N LEU A 302 -20.96 18.91 4.92
CA LEU A 302 -22.41 19.01 4.73
C LEU A 302 -22.97 18.04 3.68
N ASP A 303 -22.21 17.81 2.61
CA ASP A 303 -22.55 16.89 1.52
C ASP A 303 -22.69 15.47 2.06
N ASP A 304 -21.78 15.06 2.96
CA ASP A 304 -21.82 13.74 3.58
C ASP A 304 -23.03 13.61 4.48
N PHE A 305 -23.34 14.67 5.25
CA PHE A 305 -24.51 14.66 6.14
C PHE A 305 -25.79 14.56 5.31
N VAL A 306 -25.86 15.32 4.20
CA VAL A 306 -27.01 15.32 3.26
C VAL A 306 -27.19 13.93 2.64
N GLU A 307 -26.08 13.26 2.27
CA GLU A 307 -26.10 11.91 1.73
C GLU A 307 -26.64 10.93 2.77
N ILE A 308 -26.15 11.02 4.02
CA ILE A 308 -26.61 10.14 5.10
C ILE A 308 -28.12 10.31 5.35
N ILE A 309 -28.60 11.55 5.58
CA ILE A 309 -30.01 11.77 5.89
C ILE A 309 -30.91 11.41 4.71
N LYS A 310 -30.45 11.67 3.46
CA LYS A 310 -31.22 11.33 2.27
C LYS A 310 -31.24 9.84 1.94
N SER A 311 -30.41 9.04 2.61
CA SER A 311 -30.35 7.60 2.40
C SER A 311 -31.17 6.82 3.43
N GLN A 312 -32.07 7.49 4.18
CA GLN A 312 -32.84 6.83 5.22
C GLN A 312 -34.30 6.66 4.87
N ASP A 313 -34.90 5.62 5.43
CA ASP A 313 -36.33 5.38 5.25
C ASP A 313 -37.03 6.27 6.28
N LEU A 314 -37.96 7.13 5.82
CA LEU A 314 -38.66 8.06 6.71
C LEU A 314 -40.06 7.60 7.11
N SER A 315 -40.31 6.28 7.15
CA SER A 315 -41.64 5.75 7.43
C SER A 315 -41.90 5.29 8.88
N VAL A 316 -40.92 5.43 9.78
CA VAL A 316 -41.09 4.99 11.18
C VAL A 316 -40.93 6.18 12.17
N VAL A 317 -41.66 6.15 13.31
CA VAL A 317 -41.58 7.23 14.31
C VAL A 317 -40.15 7.39 14.89
N SER A 318 -39.60 6.38 15.59
CA SER A 318 -38.25 6.48 16.15
C SER A 318 -37.42 5.29 15.69
N LYS A 319 -36.15 5.54 15.36
CA LYS A 319 -35.29 4.48 14.83
C LYS A 319 -33.79 4.78 15.01
N VAL A 320 -32.99 3.76 15.30
CA VAL A 320 -31.56 3.94 15.42
C VAL A 320 -30.91 3.73 14.04
N VAL A 321 -30.17 4.74 13.56
CA VAL A 321 -29.47 4.73 12.28
C VAL A 321 -27.98 4.66 12.60
N LYS A 322 -27.31 3.55 12.28
CA LYS A 322 -25.87 3.42 12.53
C LYS A 322 -25.07 3.86 11.30
N VAL A 323 -24.07 4.73 11.50
CA VAL A 323 -23.23 5.23 10.41
C VAL A 323 -21.77 5.11 10.80
N THR A 324 -20.92 4.50 9.92
CA THR A 324 -19.48 4.40 10.21
C THR A 324 -18.82 5.74 9.93
N ILE A 325 -18.25 6.35 10.97
CA ILE A 325 -17.60 7.65 10.89
C ILE A 325 -16.29 7.52 11.67
N ASP A 326 -15.16 7.90 11.05
CA ASP A 326 -13.85 7.75 11.66
C ASP A 326 -13.57 6.32 12.11
N TYR A 327 -14.09 5.32 11.34
CA TYR A 327 -13.96 3.88 11.58
C TYR A 327 -14.84 3.35 12.71
N THR A 328 -15.61 4.20 13.39
CA THR A 328 -16.45 3.75 14.49
C THR A 328 -17.91 3.79 14.10
N GLU A 329 -18.73 2.98 14.76
CA GLU A 329 -20.17 2.99 14.50
C GLU A 329 -20.84 4.09 15.32
N ILE A 330 -21.36 5.12 14.65
CA ILE A 330 -22.05 6.20 15.34
C ILE A 330 -23.56 5.98 15.23
N SER A 331 -24.24 5.91 16.38
CA SER A 331 -25.69 5.77 16.41
C SER A 331 -26.34 7.14 16.34
N PHE A 332 -27.25 7.26 15.39
CA PHE A 332 -28.02 8.46 15.21
C PHE A 332 -29.46 8.11 15.52
N MET A 333 -30.19 9.06 16.10
CA MET A 333 -31.60 8.84 16.41
C MET A 333 -32.41 9.54 15.36
N LEU A 334 -33.19 8.79 14.58
CA LEU A 334 -34.00 9.38 13.51
C LEU A 334 -35.47 9.39 13.91
N TRP A 335 -36.04 10.57 14.01
CA TRP A 335 -37.44 10.77 14.39
C TRP A 335 -38.20 11.30 13.21
N CYS A 336 -39.26 10.61 12.82
CA CYS A 336 -40.05 10.98 11.65
C CYS A 336 -41.54 11.07 11.99
N LYS A 337 -42.29 11.77 11.14
CA LYS A 337 -43.75 11.94 11.24
C LYS A 337 -44.25 12.23 9.85
N ASP A 338 -45.26 11.45 9.38
CA ASP A 338 -45.89 11.61 8.06
C ASP A 338 -44.93 11.66 6.87
N GLY A 339 -43.88 10.85 6.91
CA GLY A 339 -42.90 10.78 5.83
C GLY A 339 -41.88 11.90 5.78
N HIS A 340 -41.79 12.70 6.86
CA HIS A 340 -40.79 13.76 6.93
C HIS A 340 -39.97 13.63 8.22
N VAL A 341 -38.73 14.13 8.18
CA VAL A 341 -37.85 14.11 9.35
C VAL A 341 -38.33 15.16 10.36
N GLU A 342 -38.31 14.82 11.64
CA GLU A 342 -38.60 15.74 12.71
C GLU A 342 -37.23 16.14 13.27
N THR A 343 -36.39 15.14 13.64
CA THR A 343 -35.02 15.34 14.08
C THR A 343 -34.15 14.11 13.75
N PHE A 344 -32.83 14.33 13.66
CA PHE A 344 -31.84 13.31 13.38
C PHE A 344 -30.59 13.78 14.09
N TYR A 345 -30.17 13.06 15.13
CA TYR A 345 -29.04 13.50 15.92
C TYR A 345 -28.11 12.40 16.33
N PRO A 346 -26.80 12.70 16.39
CA PRO A 346 -25.86 11.68 16.87
C PRO A 346 -25.93 11.49 18.37
N LYS A 347 -25.46 10.34 18.83
CA LYS A 347 -25.41 10.05 20.26
C LYS A 347 -23.95 9.77 20.63
N LEU A 348 -23.42 10.45 21.67
CA LEU A 348 -22.06 10.17 22.12
C LEU A 348 -22.17 9.10 23.21
N GLN A 349 -21.66 7.89 22.93
CA GLN A 349 -21.76 6.79 23.91
C GLN A 349 -20.56 5.85 23.83
N ALA B 2 27.97 -0.73 -42.26
CA ALA B 2 27.62 -1.50 -43.45
C ALA B 2 26.84 -2.75 -43.10
N MET B 3 25.61 -2.54 -42.62
CA MET B 3 24.71 -3.60 -42.21
C MET B 3 24.14 -4.36 -43.42
N SER B 4 24.11 -5.70 -43.34
CA SER B 4 23.61 -6.55 -44.40
C SER B 4 23.22 -7.92 -43.87
N LEU B 5 22.35 -8.60 -44.59
CA LEU B 5 21.91 -9.95 -44.27
C LEU B 5 23.13 -10.91 -44.25
N GLU B 6 24.01 -10.80 -45.26
CA GLU B 6 25.21 -11.64 -45.40
C GLU B 6 26.21 -11.40 -44.27
N ASN B 7 26.31 -10.16 -43.80
CA ASN B 7 27.17 -9.82 -42.69
C ASN B 7 26.61 -10.33 -41.37
N VAL B 8 25.27 -10.21 -41.17
CA VAL B 8 24.61 -10.76 -39.99
C VAL B 8 24.84 -12.27 -39.93
N ALA B 9 24.59 -12.97 -41.06
CA ALA B 9 24.85 -14.41 -41.17
C ALA B 9 26.31 -14.77 -40.92
N PHE B 10 27.26 -13.96 -41.43
CA PHE B 10 28.69 -14.19 -41.18
C PHE B 10 28.97 -14.17 -39.68
N ASN B 11 28.42 -13.16 -38.99
CA ASN B 11 28.59 -13.03 -37.54
C ASN B 11 27.98 -14.19 -36.81
N VAL B 12 26.77 -14.64 -37.21
CA VAL B 12 26.14 -15.80 -36.58
C VAL B 12 27.04 -17.05 -36.75
N VAL B 13 27.44 -17.36 -37.99
CA VAL B 13 28.30 -18.53 -38.29
C VAL B 13 29.63 -18.46 -37.51
N ASN B 14 30.29 -17.29 -37.49
CA ASN B 14 31.61 -17.17 -36.89
C ASN B 14 31.69 -16.83 -35.42
N LYS B 15 30.72 -16.07 -34.88
CA LYS B 15 30.76 -15.57 -33.50
C LYS B 15 29.60 -16.03 -32.59
N GLY B 16 28.69 -16.83 -33.13
CA GLY B 16 27.55 -17.34 -32.38
C GLY B 16 26.42 -16.35 -32.19
N HIS B 17 26.58 -15.12 -32.67
CA HIS B 17 25.66 -14.00 -32.55
C HIS B 17 26.27 -12.78 -33.29
N PHE B 18 25.52 -11.67 -33.40
CA PHE B 18 26.03 -10.46 -34.04
C PHE B 18 27.07 -9.84 -33.12
N ASP B 19 28.31 -9.70 -33.61
CA ASP B 19 29.43 -9.20 -32.86
C ASP B 19 30.21 -8.07 -33.57
N GLY B 20 29.59 -7.40 -34.54
CA GLY B 20 30.22 -6.31 -35.25
C GLY B 20 31.39 -6.67 -36.16
N GLN B 21 31.58 -7.96 -36.45
CA GLN B 21 32.67 -8.41 -37.29
C GLN B 21 32.43 -8.19 -38.77
N GLN B 22 33.49 -7.93 -39.54
CA GLN B 22 33.35 -7.74 -40.98
C GLN B 22 33.36 -9.10 -41.66
N GLY B 23 32.65 -9.20 -42.77
CA GLY B 23 32.59 -10.44 -43.51
C GLY B 23 31.20 -10.78 -44.03
N GLU B 24 31.14 -11.71 -44.96
CA GLU B 24 29.90 -12.12 -45.58
C GLU B 24 29.91 -13.61 -45.84
N VAL B 25 28.75 -14.27 -45.69
CA VAL B 25 28.58 -15.66 -46.07
C VAL B 25 27.41 -15.73 -47.05
N PRO B 26 27.37 -16.71 -47.96
CA PRO B 26 26.22 -16.81 -48.87
C PRO B 26 24.98 -17.22 -48.08
N VAL B 27 23.86 -16.60 -48.39
CA VAL B 27 22.62 -16.85 -47.67
C VAL B 27 21.50 -17.14 -48.61
N SER B 28 20.60 -18.04 -48.22
CA SER B 28 19.37 -18.23 -48.96
C SER B 28 18.16 -18.15 -48.01
N ILE B 29 17.13 -17.46 -48.46
CA ILE B 29 15.91 -17.32 -47.68
C ILE B 29 14.80 -18.12 -48.33
N ILE B 30 14.23 -19.07 -47.61
CA ILE B 30 13.12 -19.90 -48.12
C ILE B 30 12.14 -20.09 -47.00
N ASN B 31 10.81 -20.08 -47.22
N ASN B 31 11.02 -19.44 -47.31
CA ASN B 31 9.77 -20.36 -46.18
CA ASN B 31 9.79 -19.16 -46.58
C ASN B 31 10.15 -20.16 -44.66
C ASN B 31 10.18 -18.28 -45.42
N ASN B 32 10.26 -18.87 -44.26
CA ASN B 32 10.61 -18.27 -42.99
C ASN B 32 11.92 -18.77 -42.42
N THR B 33 12.79 -19.34 -43.25
CA THR B 33 14.04 -19.88 -42.79
C THR B 33 15.24 -19.24 -43.49
N VAL B 34 16.29 -19.01 -42.73
CA VAL B 34 17.52 -18.45 -43.24
C VAL B 34 18.53 -19.60 -43.30
N TYR B 35 19.14 -19.81 -44.46
CA TYR B 35 20.16 -20.84 -44.63
C TYR B 35 21.46 -20.22 -45.05
N THR B 36 22.56 -20.94 -44.83
CA THR B 36 23.85 -20.56 -45.34
C THR B 36 24.50 -21.77 -46.02
N LYS B 37 25.25 -21.53 -47.09
CA LYS B 37 25.94 -22.61 -47.78
C LYS B 37 27.22 -22.94 -47.03
N VAL B 38 27.36 -24.19 -46.60
CA VAL B 38 28.56 -24.66 -45.95
C VAL B 38 29.05 -25.85 -46.79
N ASP B 39 30.13 -25.63 -47.57
CA ASP B 39 30.72 -26.64 -48.44
C ASP B 39 29.71 -27.31 -49.37
N GLY B 40 29.02 -26.50 -50.16
CA GLY B 40 28.05 -27.03 -51.10
C GLY B 40 26.64 -27.29 -50.60
N VAL B 41 26.41 -27.48 -49.28
CA VAL B 41 25.04 -27.74 -48.81
C VAL B 41 24.48 -26.63 -47.90
N ASP B 42 23.16 -26.49 -47.90
CA ASP B 42 22.46 -25.49 -47.10
C ASP B 42 22.27 -25.92 -45.68
N VAL B 43 22.67 -25.06 -44.76
CA VAL B 43 22.57 -25.32 -43.33
C VAL B 43 21.66 -24.26 -42.76
N GLU B 44 20.68 -24.66 -41.98
CA GLU B 44 19.73 -23.75 -41.36
C GLU B 44 20.38 -22.89 -40.26
N LEU B 45 20.26 -21.58 -40.37
CA LEU B 45 20.75 -20.65 -39.35
C LEU B 45 19.64 -20.14 -38.44
N PHE B 46 18.43 -19.98 -38.99
CA PHE B 46 17.34 -19.40 -38.23
C PHE B 46 15.98 -19.71 -38.81
N GLU B 47 15.04 -20.05 -37.94
CA GLU B 47 13.66 -20.23 -38.35
C GLU B 47 12.84 -19.12 -37.69
N ASN B 48 12.23 -18.28 -38.50
CA ASN B 48 11.38 -17.22 -38.03
C ASN B 48 10.06 -17.71 -37.42
N LYS B 49 9.89 -17.51 -36.10
CA LYS B 49 8.66 -17.79 -35.36
C LYS B 49 7.93 -16.47 -34.98
N THR B 50 8.38 -15.31 -35.50
CA THR B 50 7.85 -13.99 -35.21
C THR B 50 6.87 -13.54 -36.31
N THR B 51 6.18 -12.42 -36.08
CA THR B 51 5.32 -11.79 -37.07
C THR B 51 6.08 -10.73 -37.91
N LEU B 52 7.41 -10.60 -37.72
CA LEU B 52 8.24 -9.69 -38.51
C LEU B 52 8.72 -10.44 -39.76
N PRO B 53 9.16 -9.71 -40.81
CA PRO B 53 9.78 -10.39 -41.96
C PRO B 53 11.01 -11.21 -41.51
N VAL B 54 11.21 -12.38 -42.12
CA VAL B 54 12.26 -13.35 -41.79
C VAL B 54 13.66 -12.71 -41.67
N ASN B 55 14.09 -11.86 -42.61
CA ASN B 55 15.43 -11.28 -42.55
C ASN B 55 15.58 -10.26 -41.40
N VAL B 56 14.49 -9.58 -41.06
CA VAL B 56 14.42 -8.61 -39.98
C VAL B 56 14.48 -9.34 -38.63
N ALA B 57 13.67 -10.41 -38.48
CA ALA B 57 13.68 -11.21 -37.23
C ALA B 57 15.04 -11.84 -37.00
N PHE B 58 15.69 -12.33 -38.08
CA PHE B 58 17.04 -12.93 -38.03
C PHE B 58 18.04 -11.91 -37.49
N GLU B 59 17.99 -10.67 -37.99
CA GLU B 59 18.90 -9.62 -37.51
C GLU B 59 18.68 -9.26 -36.03
N LEU B 60 17.41 -9.15 -35.60
CA LEU B 60 17.12 -8.83 -34.19
C LEU B 60 17.52 -9.95 -33.27
N TRP B 61 17.32 -11.20 -33.71
CA TRP B 61 17.73 -12.35 -32.93
C TRP B 61 19.28 -12.39 -32.86
N ALA B 62 19.98 -12.17 -33.98
CA ALA B 62 21.45 -12.14 -33.98
C ALA B 62 21.94 -11.02 -33.04
N LYS B 63 21.23 -9.88 -32.99
CA LYS B 63 21.58 -8.73 -32.15
C LYS B 63 20.99 -8.77 -30.76
N ARG B 64 20.51 -9.93 -30.30
CA ARG B 64 19.93 -10.08 -28.98
C ARG B 64 20.97 -9.81 -27.89
N ASN B 65 20.49 -9.40 -26.71
CA ASN B 65 21.33 -9.16 -25.57
C ASN B 65 21.76 -10.52 -25.03
N ILE B 66 23.07 -10.73 -24.92
CA ILE B 66 23.61 -11.98 -24.41
C ILE B 66 24.15 -11.87 -22.97
N LYS B 67 23.87 -10.75 -22.29
CA LYS B 67 24.22 -10.61 -20.88
C LYS B 67 22.96 -11.01 -20.12
N PRO B 68 23.04 -11.32 -18.80
CA PRO B 68 21.80 -11.55 -18.04
C PRO B 68 20.95 -10.29 -18.09
N VAL B 69 19.70 -10.42 -18.49
CA VAL B 69 18.80 -9.30 -18.59
C VAL B 69 17.56 -9.58 -17.76
N PRO B 70 16.82 -8.54 -17.33
CA PRO B 70 15.57 -8.79 -16.63
C PRO B 70 14.64 -9.72 -17.44
N GLU B 71 13.92 -10.61 -16.76
CA GLU B 71 12.92 -11.46 -17.43
C GLU B 71 11.85 -10.56 -18.04
N VAL B 72 11.36 -10.90 -19.23
CA VAL B 72 10.35 -10.12 -19.95
C VAL B 72 9.12 -9.75 -19.06
N LYS B 73 8.66 -10.67 -18.17
CA LYS B 73 7.55 -10.40 -17.28
C LYS B 73 7.80 -9.15 -16.40
N ILE B 74 9.06 -8.92 -15.96
CA ILE B 74 9.44 -7.74 -15.17
C ILE B 74 9.38 -6.47 -16.02
N LEU B 75 9.97 -6.51 -17.23
CA LEU B 75 9.97 -5.38 -18.13
C LEU B 75 8.55 -4.96 -18.49
N ASN B 76 7.69 -5.92 -18.81
CA ASN B 76 6.28 -5.69 -19.14
C ASN B 76 5.55 -5.07 -17.94
N ASN B 77 5.76 -5.61 -16.74
CA ASN B 77 5.10 -5.13 -15.54
C ASN B 77 5.51 -3.70 -15.19
N LEU B 78 6.74 -3.28 -15.59
CA LEU B 78 7.24 -1.93 -15.39
C LEU B 78 6.88 -0.97 -16.54
N GLY B 79 6.15 -1.45 -17.55
CA GLY B 79 5.70 -0.65 -18.68
C GLY B 79 6.75 -0.32 -19.71
N VAL B 80 7.82 -1.14 -19.81
CA VAL B 80 8.90 -0.93 -20.79
C VAL B 80 8.34 -1.13 -22.19
N ASP B 81 8.52 -0.11 -23.05
CA ASP B 81 8.03 -0.14 -24.42
C ASP B 81 9.10 -0.54 -25.44
N ILE B 82 10.37 -0.18 -25.15
CA ILE B 82 11.49 -0.32 -26.06
C ILE B 82 12.78 -0.35 -25.27
N ALA B 83 13.86 -0.88 -25.85
CA ALA B 83 15.15 -0.91 -25.19
C ALA B 83 16.12 0.02 -25.91
N ALA B 84 17.02 0.63 -25.15
CA ALA B 84 18.03 1.52 -25.73
C ALA B 84 19.22 0.72 -26.21
N ASN B 85 19.42 0.70 -27.54
CA ASN B 85 20.59 0.12 -28.21
C ASN B 85 20.89 -1.33 -27.92
N THR B 86 19.84 -2.13 -27.77
CA THR B 86 19.88 -3.57 -27.54
C THR B 86 18.54 -4.20 -27.97
N VAL B 87 18.48 -5.53 -28.00
CA VAL B 87 17.27 -6.28 -28.29
C VAL B 87 17.10 -7.22 -27.11
N ILE B 88 15.96 -7.12 -26.41
CA ILE B 88 15.67 -8.10 -25.36
C ILE B 88 14.91 -9.19 -26.13
N TRP B 89 15.53 -10.39 -26.29
CA TRP B 89 14.88 -11.47 -27.00
C TRP B 89 13.99 -12.19 -26.02
N ASP B 90 12.74 -12.36 -26.40
CA ASP B 90 11.75 -13.06 -25.61
C ASP B 90 11.78 -14.55 -26.02
N TYR B 91 12.47 -15.38 -25.24
CA TYR B 91 12.63 -16.80 -25.49
C TYR B 91 11.33 -17.59 -25.24
N LYS B 92 10.37 -17.01 -24.48
CA LYS B 92 9.05 -17.63 -24.26
C LYS B 92 8.23 -17.56 -25.56
N ARG B 93 8.39 -16.49 -26.33
CA ARG B 93 7.65 -16.30 -27.58
C ARG B 93 8.51 -16.50 -28.83
N ASP B 94 9.82 -16.77 -28.72
CA ASP B 94 10.78 -16.86 -29.84
C ASP B 94 10.68 -15.61 -30.71
N ALA B 95 10.66 -14.45 -30.05
CA ALA B 95 10.45 -13.18 -30.73
C ALA B 95 11.08 -12.03 -29.95
N PRO B 96 11.27 -10.86 -30.57
CA PRO B 96 11.77 -9.70 -29.80
C PRO B 96 10.73 -9.27 -28.77
N ALA B 97 11.15 -8.98 -27.54
CA ALA B 97 10.24 -8.50 -26.49
C ALA B 97 9.56 -7.21 -26.89
N HIS B 98 10.15 -6.41 -27.79
CA HIS B 98 9.59 -5.11 -28.15
C HIS B 98 9.44 -4.97 -29.65
N ILE B 99 8.40 -4.27 -30.10
CA ILE B 99 8.10 -4.08 -31.52
C ILE B 99 9.21 -3.33 -32.29
N SER B 100 9.68 -2.24 -31.68
CA SER B 100 10.62 -1.31 -32.27
C SER B 100 11.96 -1.33 -31.58
N THR B 101 12.95 -0.73 -32.24
CA THR B 101 14.29 -0.66 -31.67
C THR B 101 14.87 0.77 -31.71
N ILE B 102 15.99 0.98 -31.02
CA ILE B 102 16.73 2.23 -31.00
C ILE B 102 18.17 1.88 -31.26
N GLY B 103 18.70 2.35 -32.38
CA GLY B 103 20.09 2.10 -32.78
C GLY B 103 20.48 0.64 -32.90
N VAL B 104 19.61 -0.20 -33.48
CA VAL B 104 19.88 -1.63 -33.62
C VAL B 104 19.77 -2.13 -35.08
N CYS B 105 18.63 -1.87 -35.74
CA CYS B 105 18.32 -2.43 -37.04
C CYS B 105 17.56 -1.40 -37.85
N SER B 106 17.94 -1.17 -39.11
CA SER B 106 17.31 -0.16 -39.95
C SER B 106 15.83 -0.34 -40.19
N MET B 107 15.37 -1.59 -40.25
CA MET B 107 13.95 -1.87 -40.50
C MET B 107 13.05 -1.57 -39.30
N THR B 108 13.54 -1.79 -38.05
CA THR B 108 12.73 -1.63 -36.85
C THR B 108 13.04 -0.36 -36.02
N ASP B 109 14.15 0.32 -36.31
CA ASP B 109 14.55 1.52 -35.57
C ASP B 109 13.58 2.65 -35.70
N ILE B 110 13.21 3.21 -34.57
CA ILE B 110 12.42 4.44 -34.57
C ILE B 110 13.38 5.66 -34.39
N ALA B 111 14.60 5.42 -33.91
CA ALA B 111 15.64 6.39 -33.62
C ALA B 111 16.99 5.65 -33.56
N LYS B 112 18.10 6.39 -33.65
CA LYS B 112 19.45 5.85 -33.49
C LYS B 112 19.89 6.00 -32.01
N LYS B 113 19.40 7.05 -31.32
CA LYS B 113 19.72 7.33 -29.93
C LYS B 113 18.44 7.55 -29.12
N PRO B 114 18.42 7.10 -27.86
CA PRO B 114 17.21 7.30 -27.05
C PRO B 114 16.93 8.77 -26.71
N THR B 115 17.90 9.68 -26.92
CA THR B 115 17.70 11.11 -26.72
C THR B 115 16.83 11.74 -27.80
N GLU B 116 16.56 11.03 -28.93
CA GLU B 116 15.70 11.56 -29.99
C GLU B 116 14.28 11.75 -29.44
N THR B 117 13.60 12.82 -29.89
CA THR B 117 12.30 13.19 -29.34
C THR B 117 11.23 12.11 -29.48
N ILE B 118 11.32 11.22 -30.48
CA ILE B 118 10.33 10.14 -30.63
C ILE B 118 10.34 9.19 -29.40
N CYS B 119 11.48 9.08 -28.71
CA CYS B 119 11.64 8.22 -27.54
C CYS B 119 11.18 8.82 -26.23
N ALA B 120 11.02 10.18 -26.17
CA ALA B 120 10.62 10.86 -24.94
C ALA B 120 9.33 10.28 -24.32
N PRO B 121 8.22 10.06 -25.06
CA PRO B 121 7.03 9.46 -24.44
C PRO B 121 7.09 7.95 -24.13
N LEU B 122 8.11 7.24 -24.65
CA LEU B 122 8.22 5.80 -24.48
C LEU B 122 9.04 5.49 -23.26
N THR B 123 8.65 4.43 -22.57
CA THR B 123 9.43 3.98 -21.43
C THR B 123 10.59 3.17 -22.00
N VAL B 124 11.77 3.80 -22.04
CA VAL B 124 12.95 3.21 -22.61
C VAL B 124 13.70 2.39 -21.57
N PHE B 125 14.14 1.18 -21.93
CA PHE B 125 14.92 0.35 -21.02
C PHE B 125 16.38 0.75 -21.18
N PHE B 126 17.04 1.09 -20.06
CA PHE B 126 18.43 1.51 -19.96
C PHE B 126 19.16 0.52 -19.09
N ASP B 127 20.35 0.13 -19.52
CA ASP B 127 21.19 -0.84 -18.84
C ASP B 127 22.44 -0.11 -18.32
N GLY B 128 22.48 0.11 -17.02
CA GLY B 128 23.57 0.79 -16.34
C GLY B 128 24.90 0.11 -16.48
N ARG B 129 24.92 -1.17 -16.91
CA ARG B 129 26.19 -1.86 -17.15
C ARG B 129 26.88 -1.41 -18.45
N VAL B 130 26.19 -0.66 -19.30
CA VAL B 130 26.71 -0.13 -20.55
C VAL B 130 27.03 1.34 -20.32
N ASP B 131 28.23 1.79 -20.77
CA ASP B 131 28.68 3.17 -20.62
C ASP B 131 27.67 4.17 -21.13
N GLY B 132 27.41 5.21 -20.34
CA GLY B 132 26.51 6.28 -20.71
C GLY B 132 25.02 6.04 -20.52
N GLN B 133 24.60 4.78 -20.22
CA GLN B 133 23.17 4.48 -20.09
C GLN B 133 22.55 5.01 -18.78
N VAL B 134 23.29 4.98 -17.65
CA VAL B 134 22.80 5.58 -16.39
C VAL B 134 22.54 7.07 -16.61
N ASP B 135 23.44 7.77 -17.36
CA ASP B 135 23.29 9.20 -17.68
C ASP B 135 22.18 9.45 -18.69
N LEU B 136 21.97 8.51 -19.62
CA LEU B 136 20.87 8.59 -20.60
C LEU B 136 19.49 8.46 -19.92
N PHE B 137 19.43 7.69 -18.81
CA PHE B 137 18.22 7.53 -18.02
C PHE B 137 17.95 8.84 -17.26
N ARG B 138 19.02 9.45 -16.66
CA ARG B 138 18.96 10.73 -15.94
C ARG B 138 18.32 11.82 -16.80
N ASN B 139 18.58 11.81 -18.10
CA ASN B 139 18.00 12.80 -19.00
C ASN B 139 16.74 12.36 -19.72
N ALA B 140 16.36 11.07 -19.63
CA ALA B 140 15.15 10.58 -20.30
C ALA B 140 13.87 10.94 -19.56
N ARG B 141 12.83 11.30 -20.32
CA ARG B 141 11.53 11.63 -19.77
C ARG B 141 10.93 10.36 -19.13
N ASN B 142 10.89 9.24 -19.90
CA ASN B 142 10.34 7.97 -19.44
C ASN B 142 11.33 6.84 -19.58
N GLY B 143 11.48 6.04 -18.53
CA GLY B 143 12.42 4.95 -18.59
C GLY B 143 12.50 4.06 -17.39
N VAL B 144 13.19 2.96 -17.58
CA VAL B 144 13.46 2.00 -16.54
C VAL B 144 14.95 1.74 -16.67
N LEU B 145 15.65 1.73 -15.54
CA LEU B 145 17.06 1.53 -15.53
C LEU B 145 17.40 0.39 -14.61
N ILE B 146 18.35 -0.44 -15.02
CA ILE B 146 18.90 -1.46 -14.13
C ILE B 146 20.37 -1.17 -13.91
N THR B 147 20.89 -1.48 -12.73
CA THR B 147 22.30 -1.29 -12.42
C THR B 147 22.72 -2.43 -11.48
N GLU B 148 24.02 -2.68 -11.41
CA GLU B 148 24.56 -3.65 -10.47
C GLU B 148 24.92 -2.99 -9.11
N GLY B 149 24.96 -1.65 -9.06
CA GLY B 149 25.30 -0.93 -7.85
C GLY B 149 24.56 0.38 -7.69
N SER B 150 25.02 1.18 -6.71
CA SER B 150 24.41 2.45 -6.36
C SER B 150 24.53 3.52 -7.43
N VAL B 151 23.47 4.29 -7.58
CA VAL B 151 23.39 5.44 -8.46
C VAL B 151 23.29 6.67 -7.54
N LYS B 152 24.14 7.69 -7.77
CA LYS B 152 24.13 8.90 -6.94
C LYS B 152 22.80 9.63 -6.99
N GLY B 153 22.22 9.82 -5.81
CA GLY B 153 20.94 10.51 -5.64
C GLY B 153 19.72 9.65 -5.76
N LEU B 154 19.79 8.61 -6.60
CA LEU B 154 18.65 7.72 -6.81
C LEU B 154 18.57 6.60 -5.82
N GLN B 155 17.41 6.48 -5.19
CA GLN B 155 17.16 5.39 -4.25
C GLN B 155 16.73 4.17 -5.07
N PRO B 156 17.32 3.00 -4.77
CA PRO B 156 17.04 1.82 -5.58
C PRO B 156 15.94 0.88 -5.10
N SER B 157 15.42 0.13 -6.05
CA SER B 157 14.49 -0.93 -5.75
C SER B 157 15.26 -2.22 -6.03
N VAL B 158 15.46 -3.05 -5.01
CA VAL B 158 16.16 -4.31 -5.21
C VAL B 158 15.25 -5.24 -6.01
N GLY B 159 15.70 -5.63 -7.20
CA GLY B 159 14.92 -6.47 -8.09
C GLY B 159 15.01 -7.93 -7.72
N PRO B 160 14.48 -8.82 -8.59
CA PRO B 160 14.57 -10.26 -8.29
C PRO B 160 16.02 -10.77 -8.29
N LYS B 161 16.27 -11.87 -7.58
CA LYS B 161 17.59 -12.48 -7.57
C LYS B 161 17.99 -12.99 -8.96
N GLN B 162 16.99 -13.41 -9.77
CA GLN B 162 17.20 -14.03 -11.07
C GLN B 162 17.06 -13.09 -12.24
N ALA B 163 17.76 -13.45 -13.31
CA ALA B 163 17.70 -12.75 -14.57
C ALA B 163 17.75 -13.84 -15.68
N SER B 164 17.46 -13.45 -16.92
CA SER B 164 17.50 -14.35 -18.05
C SER B 164 18.83 -14.18 -18.82
N LEU B 165 19.62 -15.25 -18.90
CA LEU B 165 20.86 -15.26 -19.67
C LEU B 165 20.69 -16.23 -20.86
N ASN B 166 20.51 -15.69 -22.07
CA ASN B 166 20.31 -16.52 -23.26
C ASN B 166 19.13 -17.47 -23.12
N GLY B 167 18.08 -16.99 -22.50
CA GLY B 167 16.85 -17.75 -22.29
C GLY B 167 16.88 -18.68 -21.12
N VAL B 168 17.95 -18.68 -20.34
CA VAL B 168 18.05 -19.52 -19.16
C VAL B 168 17.87 -18.57 -17.97
N THR B 169 16.83 -18.78 -17.18
CA THR B 169 16.59 -17.98 -16.00
C THR B 169 17.42 -18.59 -14.89
N LEU B 170 18.26 -17.79 -14.28
CA LEU B 170 19.16 -18.29 -13.25
C LEU B 170 19.53 -17.22 -12.24
N ILE B 171 19.99 -17.67 -11.07
CA ILE B 171 20.52 -16.79 -10.06
C ILE B 171 22.02 -16.96 -10.24
N GLY B 172 22.64 -15.92 -10.76
CA GLY B 172 24.04 -15.90 -11.13
C GLY B 172 25.04 -16.07 -10.02
N GLU B 173 26.05 -16.91 -10.26
CA GLU B 173 27.16 -17.16 -9.34
C GLU B 173 28.45 -16.60 -9.97
N ALA B 174 28.62 -16.77 -11.28
CA ALA B 174 29.76 -16.22 -12.02
C ALA B 174 29.46 -14.86 -12.67
N VAL B 175 28.17 -14.46 -12.69
CA VAL B 175 27.65 -13.20 -13.22
C VAL B 175 26.65 -12.64 -12.22
N LYS B 176 26.41 -11.34 -12.26
CA LYS B 176 25.42 -10.72 -11.38
C LYS B 176 24.07 -10.75 -12.08
N THR B 177 23.06 -11.27 -11.41
CA THR B 177 21.70 -11.29 -11.94
C THR B 177 20.73 -10.40 -11.13
N GLN B 178 21.10 -9.99 -9.89
CA GLN B 178 20.23 -9.14 -9.07
C GLN B 178 20.53 -7.70 -9.34
N PHE B 179 19.58 -7.00 -9.95
CA PHE B 179 19.77 -5.60 -10.32
C PHE B 179 19.00 -4.66 -9.42
N ASN B 180 19.42 -3.38 -9.41
CA ASN B 180 18.72 -2.31 -8.78
C ASN B 180 17.85 -1.77 -9.89
N TYR B 181 16.61 -1.46 -9.59
CA TYR B 181 15.68 -0.92 -10.55
C TYR B 181 15.34 0.50 -10.20
N TYR B 182 15.20 1.30 -11.24
CA TYR B 182 14.83 2.69 -11.17
C TYR B 182 13.85 2.92 -12.29
N LYS B 183 12.90 3.81 -12.08
CA LYS B 183 11.90 4.12 -13.09
C LYS B 183 11.57 5.59 -13.02
N LYS B 184 11.26 6.17 -14.19
CA LYS B 184 10.92 7.55 -14.30
C LYS B 184 9.74 7.67 -15.19
N VAL B 185 8.73 8.38 -14.70
CA VAL B 185 7.52 8.68 -15.45
C VAL B 185 7.49 10.21 -15.51
N ASP B 186 7.38 10.76 -16.72
CA ASP B 186 7.36 12.20 -17.00
C ASP B 186 8.43 13.03 -16.27
N GLY B 187 9.67 12.59 -16.38
CA GLY B 187 10.81 13.25 -15.77
C GLY B 187 10.96 13.05 -14.28
N VAL B 188 9.95 12.47 -13.62
CA VAL B 188 9.98 12.26 -12.18
C VAL B 188 10.43 10.86 -11.81
N VAL B 189 11.47 10.74 -10.99
CA VAL B 189 11.93 9.46 -10.48
C VAL B 189 10.87 8.88 -9.54
N GLN B 190 10.25 7.78 -9.94
CA GLN B 190 9.20 7.13 -9.17
C GLN B 190 9.76 6.37 -7.96
N GLN B 191 8.90 6.14 -6.98
CA GLN B 191 9.23 5.30 -5.84
C GLN B 191 8.57 3.97 -6.22
N LEU B 192 9.37 2.95 -6.56
CA LEU B 192 8.83 1.66 -6.94
C LEU B 192 8.18 1.01 -5.74
N PRO B 193 7.00 0.40 -5.91
CA PRO B 193 6.31 -0.17 -4.77
C PRO B 193 7.00 -1.36 -4.16
N GLU B 194 6.62 -1.69 -2.92
CA GLU B 194 7.04 -2.88 -2.19
C GLU B 194 6.45 -4.05 -3.01
N THR B 195 7.25 -5.10 -3.25
CA THR B 195 6.78 -6.19 -4.10
C THR B 195 7.34 -7.52 -3.72
N TYR B 196 6.54 -8.54 -3.96
CA TYR B 196 7.02 -9.91 -3.88
C TYR B 196 7.57 -10.21 -5.29
N PHE B 197 8.34 -11.26 -5.43
CA PHE B 197 8.81 -11.68 -6.75
C PHE B 197 8.48 -13.11 -6.99
N THR B 198 8.09 -13.44 -8.24
CA THR B 198 7.92 -14.84 -8.61
C THR B 198 9.32 -15.46 -8.73
N GLN B 199 9.43 -16.77 -8.45
CA GLN B 199 10.68 -17.50 -8.42
C GLN B 199 11.15 -18.03 -9.77
N SER B 200 10.29 -18.02 -10.80
CA SER B 200 10.62 -18.42 -12.17
C SER B 200 11.18 -19.83 -12.32
N ARG B 201 10.72 -20.77 -11.51
CA ARG B 201 11.18 -22.15 -11.58
C ARG B 201 10.40 -22.98 -12.61
N ASN B 202 10.98 -24.11 -13.00
CA ASN B 202 10.40 -25.07 -13.94
C ASN B 202 9.82 -26.21 -13.14
N LEU B 203 8.83 -26.87 -13.73
CA LEU B 203 8.20 -28.02 -13.12
C LEU B 203 9.16 -29.22 -13.00
N GLN B 204 9.90 -29.53 -14.06
CA GLN B 204 10.80 -30.68 -14.14
C GLN B 204 12.00 -30.55 -13.22
N GLU B 205 12.60 -29.35 -13.16
CA GLU B 205 13.79 -29.14 -12.35
C GLU B 205 13.54 -28.21 -11.17
N PHE B 206 12.40 -28.36 -10.49
CA PHE B 206 12.07 -27.51 -9.36
C PHE B 206 12.95 -27.76 -8.14
N LYS B 207 13.56 -26.69 -7.60
CA LYS B 207 14.38 -26.77 -6.41
C LYS B 207 13.81 -25.87 -5.30
N PRO B 208 13.70 -26.41 -4.07
CA PRO B 208 13.20 -25.59 -2.96
C PRO B 208 14.21 -24.50 -2.57
N ARG B 209 13.71 -23.32 -2.19
CA ARG B 209 14.57 -22.20 -1.84
C ARG B 209 14.39 -21.72 -0.38
N SER B 210 13.89 -22.61 0.48
CA SER B 210 13.67 -22.33 1.91
C SER B 210 13.43 -23.66 2.66
N GLN B 211 13.50 -23.65 4.00
CA GLN B 211 13.22 -24.85 4.78
C GLN B 211 11.74 -25.23 4.67
N MET B 212 10.84 -24.24 4.55
CA MET B 212 9.41 -24.52 4.38
C MET B 212 9.17 -25.26 3.05
N GLU B 213 9.90 -24.88 1.98
CA GLU B 213 9.76 -25.53 0.69
C GLU B 213 10.34 -26.94 0.70
N ILE B 214 11.44 -27.15 1.44
CA ILE B 214 12.03 -28.49 1.61
C ILE B 214 11.03 -29.37 2.35
N ASP B 215 10.39 -28.83 3.40
CA ASP B 215 9.40 -29.57 4.19
C ASP B 215 8.16 -29.88 3.38
N PHE B 216 7.75 -28.96 2.50
CA PHE B 216 6.57 -29.20 1.65
C PHE B 216 6.79 -30.41 0.74
N LEU B 217 7.97 -30.50 0.12
CA LEU B 217 8.30 -31.58 -0.79
C LEU B 217 8.55 -32.91 -0.09
N GLU B 218 9.15 -32.88 1.10
CA GLU B 218 9.47 -34.10 1.82
C GLU B 218 8.32 -34.65 2.67
N LEU B 219 7.63 -33.78 3.41
CA LEU B 219 6.56 -34.24 4.29
C LEU B 219 5.27 -34.55 3.57
N ALA B 220 4.43 -35.37 4.21
CA ALA B 220 3.10 -35.67 3.71
C ALA B 220 2.21 -34.45 4.00
N MET B 221 1.09 -34.32 3.30
CA MET B 221 0.21 -33.18 3.44
C MET B 221 -0.16 -32.81 4.90
N ASP B 222 -0.67 -33.77 5.68
CA ASP B 222 -1.11 -33.52 7.04
C ASP B 222 0.00 -33.11 8.00
N GLU B 223 1.20 -33.69 7.83
CA GLU B 223 2.36 -33.35 8.66
C GLU B 223 2.78 -31.90 8.40
N PHE B 224 2.84 -31.47 7.12
CA PHE B 224 3.26 -30.12 6.75
C PHE B 224 2.28 -29.07 7.27
N ILE B 225 0.98 -29.29 7.07
CA ILE B 225 -0.04 -28.36 7.52
C ILE B 225 0.00 -28.19 9.04
N GLU B 226 0.26 -29.28 9.76
CA GLU B 226 0.39 -29.24 11.21
C GLU B 226 1.64 -28.46 11.61
N ARG B 227 2.82 -28.83 11.05
CA ARG B 227 4.09 -28.16 11.37
C ARG B 227 4.08 -26.63 11.15
N TYR B 228 3.40 -26.17 10.10
CA TYR B 228 3.38 -24.74 9.80
C TYR B 228 2.07 -24.04 10.18
N LYS B 229 1.23 -24.69 11.02
CA LYS B 229 -0.04 -24.14 11.55
C LYS B 229 -0.92 -23.59 10.45
N LEU B 230 -1.12 -24.40 9.41
CA LEU B 230 -1.89 -23.98 8.24
C LEU B 230 -3.30 -24.53 8.19
N GLU B 231 -3.82 -25.03 9.32
CA GLU B 231 -5.20 -25.51 9.38
C GLU B 231 -6.16 -24.34 9.13
N GLY B 232 -7.19 -24.57 8.33
CA GLY B 232 -8.15 -23.54 7.97
C GLY B 232 -7.77 -22.66 6.80
N TYR B 233 -6.56 -22.87 6.23
CA TYR B 233 -6.08 -22.05 5.11
C TYR B 233 -6.24 -22.70 3.72
N ALA B 234 -6.92 -23.85 3.67
CA ALA B 234 -7.25 -24.62 2.48
C ALA B 234 -6.04 -25.00 1.60
N PHE B 235 -4.87 -25.30 2.21
CA PHE B 235 -3.69 -25.70 1.43
C PHE B 235 -3.91 -27.03 0.70
N GLU B 236 -4.80 -27.88 1.23
CA GLU B 236 -5.19 -29.17 0.65
C GLU B 236 -5.77 -28.94 -0.74
N HIS B 237 -6.62 -27.91 -0.88
CA HIS B 237 -7.23 -27.52 -2.13
C HIS B 237 -6.26 -26.63 -2.96
N ILE B 238 -5.90 -25.43 -2.47
CA ILE B 238 -5.05 -24.44 -3.13
C ILE B 238 -3.68 -24.93 -3.57
N VAL B 239 -2.91 -25.55 -2.67
CA VAL B 239 -1.54 -25.89 -2.95
C VAL B 239 -1.35 -27.35 -3.37
N TYR B 240 -1.92 -28.30 -2.62
CA TYR B 240 -1.76 -29.71 -2.95
C TYR B 240 -2.60 -30.15 -4.15
N GLY B 241 -3.77 -29.56 -4.29
CA GLY B 241 -4.66 -29.90 -5.39
C GLY B 241 -5.62 -31.01 -5.02
N ASP B 242 -6.83 -30.90 -5.53
CA ASP B 242 -7.87 -31.87 -5.31
C ASP B 242 -8.11 -32.58 -6.66
N PHE B 243 -7.75 -33.86 -6.74
CA PHE B 243 -7.92 -34.62 -7.97
C PHE B 243 -9.05 -35.65 -7.87
N SER B 244 -10.04 -35.41 -6.99
CA SER B 244 -11.12 -36.36 -6.75
C SER B 244 -12.36 -36.14 -7.61
N HIS B 245 -12.58 -34.94 -8.12
CA HIS B 245 -13.74 -34.66 -8.97
C HIS B 245 -13.30 -34.44 -10.44
N SER B 246 -14.28 -34.36 -11.39
CA SER B 246 -13.94 -34.13 -12.80
C SER B 246 -13.20 -32.81 -12.96
N GLN B 247 -13.65 -31.76 -12.23
CA GLN B 247 -12.91 -30.50 -12.26
C GLN B 247 -11.82 -30.55 -11.17
N LEU B 248 -10.57 -30.41 -11.61
CA LEU B 248 -9.38 -30.37 -10.76
C LEU B 248 -9.52 -29.16 -9.83
N GLY B 249 -9.36 -29.41 -8.54
CA GLY B 249 -9.52 -28.38 -7.53
C GLY B 249 -8.21 -27.74 -7.11
N GLY B 250 -8.21 -26.41 -7.04
CA GLY B 250 -7.05 -25.65 -6.62
C GLY B 250 -5.84 -25.82 -7.53
N LEU B 251 -4.70 -26.18 -6.92
CA LEU B 251 -3.43 -26.37 -7.60
C LEU B 251 -2.94 -25.07 -8.28
N HIS B 252 -2.75 -24.00 -7.49
CA HIS B 252 -2.33 -22.70 -8.06
C HIS B 252 -0.91 -22.28 -7.75
N LEU B 253 -0.18 -23.07 -6.96
CA LEU B 253 1.17 -22.74 -6.62
C LEU B 253 2.09 -23.76 -7.29
N LEU B 254 3.11 -23.28 -8.04
CA LEU B 254 4.03 -24.13 -8.78
C LEU B 254 4.64 -25.26 -7.96
N ILE B 255 5.01 -24.99 -6.70
CA ILE B 255 5.57 -26.02 -5.81
C ILE B 255 4.63 -27.24 -5.67
N GLY B 256 3.33 -27.00 -5.66
CA GLY B 256 2.32 -28.06 -5.56
C GLY B 256 2.25 -28.90 -6.82
N LEU B 257 2.42 -28.26 -7.97
CA LEU B 257 2.48 -28.95 -9.26
C LEU B 257 3.77 -29.79 -9.31
N ALA B 258 4.89 -29.25 -8.82
CA ALA B 258 6.16 -29.96 -8.81
C ALA B 258 6.07 -31.18 -7.90
N LYS B 259 5.40 -31.05 -6.75
CA LYS B 259 5.25 -32.17 -5.82
C LYS B 259 4.42 -33.30 -6.47
N ARG B 260 3.31 -32.93 -7.13
CA ARG B 260 2.42 -33.87 -7.82
C ARG B 260 3.15 -34.57 -8.96
N PHE B 261 3.96 -33.82 -9.71
CA PHE B 261 4.71 -34.28 -10.86
C PHE B 261 5.69 -35.41 -10.56
N LYS B 262 6.24 -35.45 -9.34
CA LYS B 262 7.17 -36.51 -8.94
C LYS B 262 6.44 -37.85 -8.72
N GLU B 263 5.15 -37.81 -8.36
CA GLU B 263 4.38 -39.03 -8.13
C GLU B 263 3.74 -39.51 -9.44
N SER B 264 2.98 -38.63 -10.11
CA SER B 264 2.32 -38.97 -11.36
C SER B 264 2.30 -37.78 -12.32
N PRO B 265 2.40 -38.06 -13.64
CA PRO B 265 2.48 -36.95 -14.61
C PRO B 265 1.14 -36.32 -14.93
N PHE B 266 1.20 -35.15 -15.57
CA PHE B 266 0.00 -34.44 -16.00
C PHE B 266 0.37 -33.56 -17.19
N GLU B 267 -0.65 -33.14 -17.94
CA GLU B 267 -0.44 -32.28 -19.09
C GLU B 267 -0.75 -30.84 -18.74
N LEU B 268 0.14 -29.93 -19.14
CA LEU B 268 -0.07 -28.51 -18.94
C LEU B 268 -0.11 -27.87 -20.30
N GLU B 269 -1.30 -27.47 -20.75
CA GLU B 269 -1.42 -26.79 -22.02
C GLU B 269 -1.28 -25.26 -21.79
N ASP B 270 -0.15 -24.71 -22.24
CA ASP B 270 0.19 -23.30 -22.14
C ASP B 270 -0.49 -22.58 -23.32
N PHE B 271 -1.79 -22.30 -23.21
CA PHE B 271 -2.55 -21.75 -24.34
C PHE B 271 -2.28 -20.26 -24.67
N ILE B 272 -1.57 -19.52 -23.80
CA ILE B 272 -1.12 -18.15 -24.10
C ILE B 272 0.37 -18.18 -23.82
N PRO B 273 1.20 -18.70 -24.75
CA PRO B 273 2.63 -18.84 -24.46
C PRO B 273 3.41 -17.53 -24.48
N MET B 274 3.68 -17.02 -23.30
CA MET B 274 4.40 -15.76 -23.10
C MET B 274 4.89 -15.72 -21.65
N ASP B 275 5.81 -14.81 -21.36
CA ASP B 275 6.28 -14.63 -19.99
C ASP B 275 5.23 -13.79 -19.25
N SER B 276 4.71 -14.28 -18.13
CA SER B 276 3.82 -13.52 -17.29
C SER B 276 3.88 -13.99 -15.85
N THR B 277 3.69 -13.05 -14.90
CA THR B 277 3.71 -13.29 -13.45
C THR B 277 2.77 -14.43 -13.06
N VAL B 278 1.56 -14.41 -13.57
CA VAL B 278 0.62 -15.51 -13.36
C VAL B 278 0.49 -16.23 -14.72
N LYS B 279 0.55 -17.56 -14.71
CA LYS B 279 0.38 -18.35 -15.94
C LYS B 279 -0.94 -19.11 -15.94
N ASN B 280 -1.67 -19.18 -17.06
CA ASN B 280 -2.93 -19.94 -17.13
C ASN B 280 -2.73 -21.21 -17.96
N TYR B 281 -3.02 -22.38 -17.37
CA TYR B 281 -2.85 -23.66 -18.08
C TYR B 281 -4.12 -24.48 -18.14
N PHE B 282 -4.29 -25.22 -19.22
CA PHE B 282 -5.40 -26.16 -19.33
C PHE B 282 -4.73 -27.43 -18.83
N ILE B 283 -5.05 -27.85 -17.59
CA ILE B 283 -4.38 -29.00 -17.00
C ILE B 283 -5.24 -30.29 -17.06
N THR B 284 -4.58 -31.44 -17.32
CA THR B 284 -5.25 -32.75 -17.37
C THR B 284 -4.38 -33.68 -16.57
N ASP B 285 -4.88 -34.16 -15.44
CA ASP B 285 -4.13 -35.08 -14.61
C ASP B 285 -4.22 -36.47 -15.25
N ALA B 286 -3.08 -37.07 -15.62
CA ALA B 286 -3.02 -38.37 -16.31
C ALA B 286 -3.50 -39.53 -15.44
N GLN B 287 -3.20 -39.50 -14.14
CA GLN B 287 -3.61 -40.58 -13.25
C GLN B 287 -5.13 -40.66 -13.02
N THR B 288 -5.75 -39.53 -12.69
CA THR B 288 -7.17 -39.51 -12.35
C THR B 288 -8.14 -39.07 -13.44
N GLY B 289 -7.67 -38.28 -14.40
CA GLY B 289 -8.56 -37.68 -15.39
C GLY B 289 -9.18 -36.39 -14.87
N SER B 290 -8.74 -35.89 -13.70
CA SER B 290 -9.22 -34.61 -13.17
C SER B 290 -8.63 -33.52 -14.09
N SER B 291 -9.44 -32.54 -14.52
CA SER B 291 -8.94 -31.51 -15.42
C SER B 291 -9.54 -30.10 -15.14
N LYS B 292 -8.91 -29.04 -15.66
CA LYS B 292 -9.41 -27.68 -15.48
C LYS B 292 -8.95 -26.85 -16.70
N CYS B 293 -9.89 -26.19 -17.39
CA CYS B 293 -9.56 -25.41 -18.59
C CYS B 293 -8.61 -24.26 -18.28
N VAL B 294 -8.87 -23.55 -17.20
CA VAL B 294 -8.06 -22.40 -16.80
C VAL B 294 -7.60 -22.59 -15.38
N CYS B 295 -6.37 -23.05 -15.22
CA CYS B 295 -5.80 -23.23 -13.92
C CYS B 295 -4.67 -22.21 -13.80
N SER B 296 -4.93 -21.15 -13.05
CA SER B 296 -3.94 -20.09 -12.85
C SER B 296 -2.85 -20.62 -11.93
N VAL B 297 -1.61 -20.42 -12.30
CA VAL B 297 -0.46 -20.90 -11.54
C VAL B 297 0.50 -19.75 -11.35
N ILE B 298 1.00 -19.62 -10.14
CA ILE B 298 2.00 -18.64 -9.81
C ILE B 298 3.14 -19.37 -9.09
N ASP B 299 4.38 -18.98 -9.37
CA ASP B 299 5.50 -19.55 -8.65
C ASP B 299 5.99 -18.55 -7.61
N LEU B 300 5.34 -18.55 -6.46
CA LEU B 300 5.77 -17.71 -5.35
C LEU B 300 6.56 -18.64 -4.45
N LEU B 301 7.53 -18.09 -3.68
CA LEU B 301 8.20 -18.88 -2.64
C LEU B 301 7.11 -19.24 -1.61
N LEU B 302 6.99 -20.50 -1.21
CA LEU B 302 5.91 -20.94 -0.32
C LEU B 302 5.73 -20.05 0.93
N ASP B 303 6.84 -19.56 1.49
CA ASP B 303 6.85 -18.66 2.65
C ASP B 303 6.13 -17.37 2.34
N ASP B 304 6.34 -16.83 1.12
CA ASP B 304 5.68 -15.59 0.68
C ASP B 304 4.20 -15.83 0.49
N PHE B 305 3.82 -16.99 -0.07
CA PHE B 305 2.41 -17.32 -0.27
C PHE B 305 1.72 -17.46 1.08
N VAL B 306 2.37 -18.12 2.03
CA VAL B 306 1.85 -18.29 3.39
C VAL B 306 1.66 -16.92 4.05
N GLU B 307 2.65 -16.02 3.94
CA GLU B 307 2.57 -14.67 4.48
C GLU B 307 1.36 -13.94 3.88
N ILE B 308 1.19 -14.01 2.56
CA ILE B 308 0.06 -13.35 1.89
C ILE B 308 -1.28 -13.90 2.39
N ILE B 309 -1.49 -15.24 2.39
CA ILE B 309 -2.77 -15.80 2.80
C ILE B 309 -3.04 -15.57 4.29
N LYS B 310 -1.99 -15.61 5.13
CA LYS B 310 -2.12 -15.37 6.56
C LYS B 310 -2.32 -13.89 6.93
N SER B 311 -2.17 -12.98 5.97
CA SER B 311 -2.37 -11.54 6.17
C SER B 311 -3.72 -11.06 5.69
N GLN B 312 -4.68 -11.97 5.47
CA GLN B 312 -6.00 -11.58 4.96
C GLN B 312 -7.11 -11.72 5.99
N ASP B 313 -8.15 -10.91 5.83
CA ASP B 313 -9.32 -11.01 6.67
C ASP B 313 -10.19 -12.14 6.09
N LEU B 314 -10.50 -13.15 6.90
CA LEU B 314 -11.28 -14.30 6.44
C LEU B 314 -12.78 -14.23 6.80
N SER B 315 -13.34 -13.03 6.93
CA SER B 315 -14.73 -12.87 7.36
C SER B 315 -15.77 -12.64 6.25
N VAL B 316 -15.36 -12.60 4.98
CA VAL B 316 -16.32 -12.36 3.88
C VAL B 316 -16.35 -13.53 2.89
N VAL B 317 -17.52 -13.79 2.25
CA VAL B 317 -17.67 -14.91 1.31
C VAL B 317 -16.70 -14.78 0.09
N SER B 318 -16.84 -13.74 -0.75
CA SER B 318 -15.96 -13.55 -1.89
C SER B 318 -15.34 -12.15 -1.86
N LYS B 319 -14.06 -12.05 -2.19
CA LYS B 319 -13.36 -10.77 -2.13
C LYS B 319 -12.10 -10.74 -3.04
N VAL B 320 -11.81 -9.58 -3.66
CA VAL B 320 -10.59 -9.43 -4.45
C VAL B 320 -9.49 -8.97 -3.51
N VAL B 321 -8.37 -9.68 -3.49
CA VAL B 321 -7.17 -9.41 -2.70
C VAL B 321 -6.09 -8.99 -3.69
N LYS B 322 -5.66 -7.72 -3.68
CA LYS B 322 -4.61 -7.23 -4.58
C LYS B 322 -3.21 -7.38 -3.92
N VAL B 323 -2.26 -7.98 -4.65
CA VAL B 323 -0.91 -8.20 -4.13
C VAL B 323 0.10 -7.73 -5.17
N THR B 324 1.09 -6.89 -4.78
CA THR B 324 2.14 -6.47 -5.70
C THR B 324 3.16 -7.58 -5.87
N ILE B 325 3.26 -8.11 -7.11
CA ILE B 325 4.15 -9.23 -7.44
C ILE B 325 4.83 -8.86 -8.73
N ASP B 326 6.18 -8.90 -8.75
CA ASP B 326 6.98 -8.49 -9.91
C ASP B 326 6.65 -7.07 -10.34
N TYR B 327 6.36 -6.17 -9.37
CA TYR B 327 6.02 -4.76 -9.58
C TYR B 327 4.63 -4.52 -10.10
N THR B 328 3.81 -5.56 -10.32
CA THR B 328 2.46 -5.38 -10.86
C THR B 328 1.42 -5.75 -9.82
N GLU B 329 0.22 -5.22 -9.96
CA GLU B 329 -0.86 -5.56 -9.04
C GLU B 329 -1.56 -6.84 -9.51
N ILE B 330 -1.42 -7.92 -8.74
CA ILE B 330 -2.08 -9.18 -9.06
C ILE B 330 -3.35 -9.30 -8.21
N SER B 331 -4.49 -9.50 -8.87
CA SER B 331 -5.75 -9.72 -8.18
C SER B 331 -5.91 -11.21 -7.93
N PHE B 332 -6.15 -11.55 -6.67
CA PHE B 332 -6.45 -12.90 -6.23
C PHE B 332 -7.90 -12.89 -5.78
N MET B 333 -8.58 -14.03 -5.93
CA MET B 333 -9.92 -14.17 -5.41
C MET B 333 -9.82 -14.95 -4.14
N LEU B 334 -10.37 -14.41 -3.07
CA LEU B 334 -10.37 -15.07 -1.79
C LEU B 334 -11.80 -15.46 -1.42
N TRP B 335 -12.03 -16.76 -1.27
CA TRP B 335 -13.33 -17.31 -0.92
C TRP B 335 -13.26 -17.90 0.46
N CYS B 336 -14.13 -17.45 1.35
CA CYS B 336 -14.13 -17.90 2.74
C CYS B 336 -15.51 -18.37 3.18
N LYS B 337 -15.54 -19.15 4.27
CA LYS B 337 -16.77 -19.64 4.89
C LYS B 337 -16.44 -19.91 6.35
N ASP B 338 -17.23 -19.35 7.29
CA ASP B 338 -17.09 -19.56 8.74
C ASP B 338 -15.69 -19.26 9.29
N GLY B 339 -15.03 -18.24 8.75
CA GLY B 339 -13.70 -17.85 9.21
C GLY B 339 -12.55 -18.69 8.70
N HIS B 340 -12.81 -19.55 7.71
CA HIS B 340 -11.74 -20.35 7.09
C HIS B 340 -11.71 -20.14 5.58
N VAL B 341 -10.54 -20.33 4.98
CA VAL B 341 -10.38 -20.21 3.53
C VAL B 341 -11.03 -21.43 2.85
N GLU B 342 -11.72 -21.19 1.74
CA GLU B 342 -12.27 -22.24 0.91
C GLU B 342 -11.29 -22.36 -0.27
N THR B 343 -11.03 -21.23 -0.96
CA THR B 343 -10.04 -21.14 -2.03
C THR B 343 -9.44 -19.71 -2.11
N PHE B 344 -8.26 -19.60 -2.71
CA PHE B 344 -7.52 -18.36 -2.89
C PHE B 344 -6.72 -18.58 -4.14
N TYR B 345 -7.03 -17.84 -5.21
CA TYR B 345 -6.36 -18.05 -6.47
C TYR B 345 -6.03 -16.78 -7.21
N PRO B 346 -4.86 -16.73 -7.88
CA PRO B 346 -4.55 -15.55 -8.70
C PRO B 346 -5.40 -15.52 -9.96
N LYS B 347 -5.56 -14.34 -10.53
CA LYS B 347 -6.30 -14.16 -11.78
C LYS B 347 -5.35 -13.56 -12.82
N LEU B 348 -5.31 -14.16 -14.02
CA LEU B 348 -4.52 -13.60 -15.11
C LEU B 348 -5.48 -12.65 -15.83
N GLN B 349 -5.08 -11.39 -15.96
CA GLN B 349 -5.91 -10.40 -16.66
C GLN B 349 -5.07 -9.27 -17.21
C1 CIT C . -33.98 19.15 21.28
O1 CIT C . -33.42 19.76 20.28
O2 CIT C . -34.77 19.71 22.02
C2 CIT C . -33.56 17.72 21.50
C3 CIT C . -32.59 17.06 20.51
O7 CIT C . -31.29 17.62 20.66
C4 CIT C . -32.50 15.57 20.87
C5 CIT C . -32.03 15.31 22.27
O3 CIT C . -31.04 15.85 22.72
O4 CIT C . -32.76 14.47 22.96
C6 CIT C . -33.03 17.22 19.04
O5 CIT C . -32.28 17.63 18.17
O6 CIT C . -34.24 16.79 18.82
C10 WNM D . -17.45 8.11 26.11
C13 WNM D . -16.63 6.63 23.88
C15 WNM D . -17.17 8.74 24.89
C02 WNM D . -21.80 10.45 27.53
C03 WNM D . -22.00 8.90 27.69
C04 WNM D . -20.58 8.41 28.18
C06 WNM D . -20.53 10.56 27.05
C11 WNM D . -17.30 6.74 26.20
C12 WNM D . -16.89 6.00 25.09
C14 WNM D . -16.76 8.01 23.78
N01 WNM D . -22.80 11.06 26.59
N05 WNM D . -19.69 9.26 27.61
O08 WNM D . -17.48 8.48 28.83
O09 WNM D . -17.31 10.40 27.61
S07 WNM D . -17.97 9.08 27.58
C10 WNM E . 3.48 15.39 -0.26
C13 WNM E . 0.73 15.37 -0.62
C15 WNM E . 2.68 16.32 0.40
C02 WNM E . 7.27 18.70 -1.24
C03 WNM E . 7.71 17.60 -2.29
C04 WNM E . 6.62 16.46 -2.18
C06 WNM E . 6.14 18.22 -0.64
C11 WNM E . 2.90 14.46 -1.09
C12 WNM E . 1.52 14.45 -1.27
C14 WNM E . 1.30 16.31 0.22
N01 WNM E . 8.36 18.92 -0.22
N05 WNM E . 6.05 16.62 -0.97
O08 WNM E . 5.63 15.56 1.40
O09 WNM E . 5.87 14.06 -0.27
S07 WNM E . 5.29 15.40 -0.01
C10 WNM F . 14.22 9.12 21.56
C13 WNM F . 16.04 10.59 20.00
C15 WNM F . 13.78 10.08 20.64
C02 WNM F . 13.48 4.69 20.44
C03 WNM F . 12.48 5.54 19.59
C04 WNM F . 11.92 6.65 20.57
C06 WNM F . 13.89 5.55 21.43
C11 WNM F . 15.58 8.88 21.67
C12 WNM F . 16.49 9.62 20.90
C14 WNM F . 14.69 10.82 19.87
N01 WNM F . 12.84 3.45 21.01
N05 WNM F . 12.73 6.69 21.66
O08 WNM F . 13.53 7.85 23.90
O09 WNM F . 11.75 8.87 22.78
S07 WNM F . 13.02 8.15 22.55
C10 WNM G . -12.51 -2.73 13.71
C13 WNM G . -13.22 -0.24 14.71
C15 WNM G . -12.88 -2.60 15.05
C02 WNM G . -14.39 -6.63 10.56
C03 WNM G . -15.09 -6.65 11.96
C04 WNM G . -14.61 -5.30 12.65
C06 WNM G . -13.28 -5.86 10.73
C11 WNM G . -12.50 -1.62 12.89
C12 WNM G . -12.84 -0.37 13.39
C14 WNM G . -13.22 -1.34 15.54
N01 WNM G . -13.98 -8.01 10.12
N05 WNM G . -13.37 -5.08 12.17
O08 WNM G . -10.90 -4.15 12.08
O09 WNM G . -11.40 -5.27 13.99
S07 WNM G . -12.02 -4.35 13.00
C1 CIT H . -11.41 -21.19 -9.97
O1 CIT H . -12.28 -20.58 -10.56
O2 CIT H . -10.39 -21.75 -10.57
C2 CIT H . -11.46 -21.39 -8.48
C3 CIT H . -11.27 -22.81 -7.94
O7 CIT H . -11.81 -22.85 -6.61
C4 CIT H . -12.01 -23.80 -8.86
C5 CIT H . -11.79 -25.26 -8.59
O3 CIT H . -12.78 -26.03 -8.97
O4 CIT H . -10.78 -25.69 -8.07
C6 CIT H . -9.77 -23.08 -7.81
O5 CIT H . -9.18 -23.18 -8.99
O6 CIT H . -9.20 -23.08 -6.73
C10 WNM I . -2.89 -11.02 -20.57
C13 WNM I . -1.14 -9.39 -19.16
C15 WNM I . -3.16 -9.66 -20.44
C02 WNM I . -7.09 -14.01 -19.74
C03 WNM I . -7.55 -12.52 -19.59
C04 WNM I . -6.58 -11.75 -20.57
C06 WNM I . -5.74 -13.93 -19.90
C11 WNM I . -1.73 -11.57 -20.03
C12 WNM I . -0.85 -10.75 -19.31
C14 WNM I . -2.28 -8.86 -19.72
N01 WNM I . -7.43 -14.80 -18.50
N05 WNM I . -5.45 -12.48 -20.62
O08 WNM I . -3.34 -13.33 -21.93
O09 WNM I . -4.36 -11.46 -22.83
S07 WNM I . -4.03 -12.10 -21.53
C10 WNM J . 26.02 -4.23 -32.54
C13 WNM J . 28.68 -5.02 -32.17
C15 WNM J . 27.06 -3.60 -33.24
C02 WNM J . 24.81 -0.13 -30.95
C03 WNM J . 24.58 -1.16 -29.79
C04 WNM J . 23.75 -2.33 -30.47
C06 WNM J . 24.70 -0.83 -32.11
C11 WNM J . 26.33 -5.23 -31.65
C12 WNM J . 27.65 -5.64 -31.47
C14 WNM J . 28.38 -4.01 -33.06
N01 WNM J . 23.83 1.02 -30.89
N05 WNM J . 24.01 -2.29 -31.80
O08 WNM J . 23.94 -3.48 -34.17
O09 WNM J . 23.35 -4.78 -32.34
S07 WNM J . 24.28 -3.70 -32.75
C10 WNM K . 29.02 -12.06 -8.24
C13 WNM K . 27.06 -12.61 -6.37
C15 WNM K . 27.90 -12.80 -8.61
C02 WNM K . 33.61 -13.86 -9.57
C03 WNM K . 34.16 -12.45 -9.13
C04 WNM K . 32.91 -11.65 -8.56
C06 WNM K . 32.32 -13.91 -9.11
C11 WNM K . 29.16 -11.60 -6.95
C12 WNM K . 28.18 -11.88 -6.00
C14 WNM K . 26.92 -13.07 -7.67
N01 WNM K . 33.64 -13.98 -11.07
N05 WNM K . 31.83 -12.36 -8.96
O08 WNM K . 29.95 -12.24 -10.80
O09 WNM K . 30.42 -10.26 -9.78
S07 WNM K . 30.32 -11.70 -9.48
#